data_4K1F
#
_entry.id   4K1F
#
_cell.length_a   111.811
_cell.length_b   226.203
_cell.length_c   91.719
_cell.angle_alpha   90.000
_cell.angle_beta   90.000
_cell.angle_gamma   90.000
#
_symmetry.space_group_name_H-M   'C 2 2 21'
#
loop_
_entity.id
_entity.type
_entity.pdbx_description
1 polymer 'Tryparedoxin peroxidase'
2 non-polymer 'TRIETHYLENE GLYCOL'
3 non-polymer 'CHLORIDE ION'
4 non-polymer DI(HYDROXYETHYL)ETHER
5 non-polymer 3,6,9,12,15,18,21-HEPTAOXATRICOSANE-1,23-DIOL
6 water water
#
_entity_poly.entity_id   1
_entity_poly.type   'polypeptide(L)'
_entity_poly.pdbx_seq_one_letter_code
;MSCGNAKINSPAPSFEEVALMPNGSFKKISLSSYKGKWVVLFFYPLDFTFVCPTEVIAFSDSVSRFNELNCEVLACSIDS
EYAHLQWTLQDRKKGGLGTMAIPILADKTKNIARSYGVLEESQGVAYRGLFIIDPHGMLRQITVNDMPVGRSVEEVLRLL
EAFQFVEKHGEVCPANWKKGDPGMKPEPNASVEGYFSKQ
;
_entity_poly.pdbx_strand_id   A,B,C,D,E
#
# COMPACT_ATOMS: atom_id res chain seq x y z
N SER A 2 -3.28 17.40 14.09
CA SER A 2 -2.63 18.39 14.99
C SER A 2 -3.45 19.69 15.10
N CYS A 3 -3.01 20.60 15.96
CA CYS A 3 -3.72 21.86 16.24
C CYS A 3 -3.05 23.06 15.54
N GLY A 4 -3.46 23.34 14.31
CA GLY A 4 -2.70 24.24 13.41
C GLY A 4 -1.32 23.60 13.24
N ASN A 5 -0.28 24.32 13.63
CA ASN A 5 1.07 23.76 13.63
C ASN A 5 1.48 23.18 14.99
N ALA A 6 0.62 23.28 15.98
CA ALA A 6 0.91 22.72 17.31
C ALA A 6 0.60 21.21 17.36
N LYS A 7 1.63 20.36 17.32
CA LYS A 7 1.42 18.92 17.41
C LYS A 7 2.08 18.36 18.66
N ILE A 8 1.40 17.44 19.35
CA ILE A 8 2.03 16.75 20.50
C ILE A 8 3.35 16.07 20.09
N ASN A 9 4.36 16.19 20.96
CA ASN A 9 5.71 15.67 20.76
C ASN A 9 6.51 16.26 19.60
N SER A 10 6.05 17.38 19.05
CA SER A 10 6.85 18.23 18.17
C SER A 10 7.09 19.51 18.92
N PRO A 11 8.08 20.32 18.48
CA PRO A 11 8.31 21.64 19.11
C PRO A 11 7.07 22.54 19.03
N ALA A 12 6.68 23.09 20.16
CA ALA A 12 5.69 24.16 20.18
C ALA A 12 6.08 25.21 19.17
N PRO A 13 5.13 25.63 18.29
CA PRO A 13 5.38 26.73 17.37
C PRO A 13 6.11 27.87 18.06
N SER A 14 7.07 28.45 17.35
CA SER A 14 7.92 29.44 17.91
C SER A 14 7.28 30.82 17.80
N PHE A 15 7.69 31.75 18.62
CA PHE A 15 7.24 33.13 18.47
C PHE A 15 8.19 34.08 19.16
N GLU A 16 8.10 35.34 18.76
CA GLU A 16 8.80 36.41 19.44
C GLU A 16 7.96 37.65 19.36
N GLU A 17 7.53 38.17 20.50
CA GLU A 17 6.52 39.22 20.44
C GLU A 17 6.60 40.13 21.65
N VAL A 18 6.22 41.37 21.47
CA VAL A 18 6.13 42.29 22.60
C VAL A 18 5.08 41.74 23.62
N ALA A 19 5.43 41.82 24.90
CA ALA A 19 4.53 41.49 25.99
C ALA A 19 4.50 42.63 26.99
N LEU A 20 3.39 42.73 27.71
CA LEU A 20 3.37 43.55 28.89
C LEU A 20 3.95 42.74 30.07
N MET A 21 5.01 43.25 30.67
CA MET A 21 5.68 42.58 31.79
C MET A 21 5.01 42.93 33.11
N PRO A 22 5.10 42.02 34.12
CA PRO A 22 4.51 42.30 35.43
C PRO A 22 4.85 43.69 35.92
N ASN A 23 6.08 44.14 35.69
CA ASN A 23 6.48 45.48 36.16
C ASN A 23 5.91 46.66 35.38
N GLY A 24 5.15 46.38 34.32
CA GLY A 24 4.45 47.42 33.56
C GLY A 24 5.17 47.84 32.30
N SER A 25 6.34 47.22 32.07
CA SER A 25 7.16 47.58 30.92
C SER A 25 6.73 46.72 29.73
N PHE A 26 7.14 47.13 28.53
CA PHE A 26 7.04 46.34 27.29
C PHE A 26 8.34 45.65 27.00
N LYS A 27 8.28 44.40 26.53
CA LYS A 27 9.48 43.64 26.31
C LYS A 27 9.21 42.53 25.32
N LYS A 28 10.14 42.29 24.40
CA LYS A 28 9.99 41.22 23.45
C LYS A 28 10.24 39.95 24.20
N ILE A 29 9.37 38.96 24.01
CA ILE A 29 9.57 37.66 24.62
C ILE A 29 9.57 36.62 23.54
N SER A 30 10.54 35.71 23.60
CA SER A 30 10.61 34.61 22.68
C SER A 30 10.28 33.34 23.44
N LEU A 31 9.61 32.41 22.77
CA LEU A 31 9.40 31.08 23.37
C LEU A 31 10.74 30.37 23.69
N SER A 32 11.69 30.46 22.76
CA SER A 32 12.96 29.77 22.93
C SER A 32 13.70 30.28 24.18
N SER A 33 13.38 31.49 24.61
CA SER A 33 14.00 32.03 25.82
C SER A 33 13.59 31.27 27.06
N TYR A 34 12.61 30.37 26.91
CA TYR A 34 12.11 29.55 28.02
C TYR A 34 12.69 28.15 28.08
N LYS A 35 13.57 27.75 27.17
CA LYS A 35 14.13 26.37 27.21
C LYS A 35 14.74 26.18 28.58
N GLY A 36 14.65 24.97 29.11
CA GLY A 36 15.08 24.72 30.47
C GLY A 36 13.93 24.67 31.45
N LYS A 37 12.86 25.38 31.10
CA LYS A 37 11.68 25.50 31.95
C LYS A 37 10.45 24.91 31.24
N TRP A 38 9.50 24.41 32.05
CA TRP A 38 8.16 24.12 31.60
C TRP A 38 7.50 25.47 31.38
N VAL A 39 6.60 25.52 30.39
CA VAL A 39 5.84 26.72 30.07
C VAL A 39 4.38 26.35 29.89
N VAL A 40 3.51 27.16 30.50
CA VAL A 40 2.08 27.12 30.21
C VAL A 40 1.73 28.39 29.48
N LEU A 41 1.39 28.22 28.20
CA LEU A 41 0.97 29.30 27.34
C LEU A 41 -0.55 29.26 27.18
N PHE A 42 -1.25 30.34 27.51
CA PHE A 42 -2.72 30.33 27.37
C PHE A 42 -3.22 31.56 26.66
N PHE A 43 -4.10 31.32 25.69
CA PHE A 43 -4.70 32.37 24.90
C PHE A 43 -6.07 32.70 25.47
N TYR A 44 -6.51 33.93 25.30
CA TYR A 44 -7.90 34.35 25.54
C TYR A 44 -8.35 35.28 24.38
N PRO A 45 -9.66 35.38 24.11
CA PRO A 45 -10.02 36.16 22.91
C PRO A 45 -9.81 37.68 23.01
N LEU A 46 -10.19 38.31 24.13
CA LEU A 46 -10.32 39.80 24.17
C LEU A 46 -10.13 40.46 25.51
N ASP A 47 -9.29 41.49 25.54
CA ASP A 47 -9.17 42.34 26.74
C ASP A 47 -10.53 43.00 26.99
N PHE A 48 -10.79 43.31 28.25
CA PHE A 48 -11.99 44.04 28.66
C PHE A 48 -13.30 43.26 28.53
N THR A 49 -13.20 41.93 28.43
CA THR A 49 -14.39 41.11 28.41
C THR A 49 -14.62 40.36 29.75
N PHE A 50 -14.99 39.08 29.72
CA PHE A 50 -15.81 38.55 30.80
C PHE A 50 -15.19 37.32 31.48
N VAL A 51 -15.12 36.21 30.75
CA VAL A 51 -14.36 35.04 31.23
C VAL A 51 -12.86 35.39 31.30
N CYS A 52 -12.36 36.05 30.26
CA CYS A 52 -10.94 36.42 30.13
C CYS A 52 -10.25 36.99 31.38
N PRO A 53 -10.78 38.10 31.97
CA PRO A 53 -10.05 38.59 33.12
C PRO A 53 -9.99 37.59 34.28
N THR A 54 -11.05 36.80 34.45
CA THR A 54 -11.09 35.86 35.56
C THR A 54 -10.04 34.74 35.34
N GLU A 55 -9.70 34.49 34.09
CA GLU A 55 -8.69 33.50 33.79
C GLU A 55 -7.29 34.06 33.95
N VAL A 56 -7.03 35.23 33.36
CA VAL A 56 -5.73 35.89 33.52
C VAL A 56 -5.43 36.09 35.01
N ILE A 57 -6.48 36.46 35.77
CA ILE A 57 -6.26 36.78 37.16
C ILE A 57 -5.95 35.49 37.92
N ALA A 58 -6.71 34.43 37.65
CA ALA A 58 -6.53 33.14 38.32
C ALA A 58 -5.13 32.51 38.08
N PHE A 59 -4.64 32.61 36.84
CA PHE A 59 -3.31 32.11 36.54
C PHE A 59 -2.23 32.98 37.18
N SER A 60 -2.42 34.30 37.19
CA SER A 60 -1.46 35.22 37.75
C SER A 60 -1.38 35.06 39.27
N ASP A 61 -2.54 34.88 39.90
CA ASP A 61 -2.60 34.76 41.34
C ASP A 61 -2.02 33.43 41.81
N SER A 62 -2.06 32.40 40.96
CA SER A 62 -1.39 31.14 41.25
C SER A 62 0.01 30.98 40.64
N VAL A 63 0.60 32.07 40.12
CA VAL A 63 1.88 31.96 39.42
C VAL A 63 2.93 31.24 40.27
N SER A 64 3.01 31.56 41.58
CA SER A 64 4.06 30.97 42.39
C SER A 64 4.02 29.45 42.51
N ARG A 65 2.84 28.84 42.41
CA ARG A 65 2.70 27.38 42.41
C ARG A 65 3.18 26.76 41.09
N PHE A 66 3.19 27.53 40.02
CA PHE A 66 3.76 27.03 38.78
C PHE A 66 5.27 27.19 38.88
N ASN A 67 5.71 28.38 39.30
CA ASN A 67 7.16 28.67 39.45
C ASN A 67 7.88 27.61 40.28
N GLU A 68 7.25 27.14 41.35
CA GLU A 68 7.74 26.05 42.20
C GLU A 68 7.96 24.73 41.46
N LEU A 69 7.18 24.50 40.42
CA LEU A 69 7.34 23.30 39.56
C LEU A 69 8.12 23.64 38.28
N ASN A 70 9.06 24.58 38.39
CA ASN A 70 9.93 24.95 37.28
C ASN A 70 9.15 25.24 36.00
N CYS A 71 8.08 26.02 36.15
CA CYS A 71 7.14 26.35 35.11
C CYS A 71 6.88 27.85 35.11
N GLU A 72 6.92 28.42 33.91
CA GLU A 72 6.55 29.80 33.69
C GLU A 72 5.13 29.81 33.18
N VAL A 73 4.48 30.96 33.30
CA VAL A 73 3.13 31.15 32.75
C VAL A 73 3.09 32.34 31.80
N LEU A 74 2.44 32.19 30.66
CA LEU A 74 2.45 33.27 29.70
C LEU A 74 1.06 33.38 29.12
N ALA A 75 0.45 34.56 29.28
CA ALA A 75 -0.86 34.82 28.69
C ALA A 75 -0.71 35.47 27.31
N CYS A 76 -1.74 35.34 26.47
CA CYS A 76 -1.73 35.98 25.16
C CYS A 76 -3.13 36.30 24.61
N SER A 77 -3.30 37.51 24.06
CA SER A 77 -4.44 37.76 23.22
C SER A 77 -3.99 38.52 21.96
N ILE A 78 -4.92 38.70 21.03
CA ILE A 78 -4.68 39.56 19.86
C ILE A 78 -4.65 41.08 20.17
N ASP A 79 -4.87 41.46 21.44
CA ASP A 79 -4.92 42.88 21.84
C ASP A 79 -3.52 43.51 21.87
N SER A 80 -3.45 44.84 21.84
CA SER A 80 -2.17 45.52 21.85
C SER A 80 -1.58 45.50 23.27
N GLU A 81 -0.26 45.64 23.35
CA GLU A 81 0.39 45.89 24.64
C GLU A 81 -0.17 47.15 25.34
N TYR A 82 -0.63 48.11 24.57
CA TYR A 82 -1.19 49.34 25.19
C TYR A 82 -2.54 49.05 25.81
N ALA A 83 -3.30 48.16 25.21
CA ALA A 83 -4.60 47.76 25.75
C ALA A 83 -4.36 46.89 26.99
N HIS A 84 -3.38 45.99 26.93
CA HIS A 84 -3.05 45.17 28.10
C HIS A 84 -2.74 46.05 29.32
N LEU A 85 -1.86 47.04 29.16
CA LEU A 85 -1.51 47.97 30.26
C LEU A 85 -2.75 48.67 30.84
N GLN A 86 -3.59 49.23 29.98
CA GLN A 86 -4.79 49.88 30.47
C GLN A 86 -5.62 48.92 31.32
N TRP A 87 -5.66 47.64 30.90
CA TRP A 87 -6.44 46.63 31.59
C TRP A 87 -5.90 46.37 32.99
N THR A 88 -4.55 46.35 33.12
CA THR A 88 -3.89 46.18 34.40
C THR A 88 -4.06 47.45 35.25
N LEU A 89 -4.33 48.59 34.62
CA LEU A 89 -4.53 49.82 35.39
C LEU A 89 -5.97 49.93 35.84
N GLN A 90 -6.79 49.03 35.35
CA GLN A 90 -8.21 49.03 35.63
C GLN A 90 -8.49 48.14 36.84
N ASP A 91 -9.41 48.59 37.66
CA ASP A 91 -9.78 47.90 38.91
C ASP A 91 -10.40 46.55 38.67
N ARG A 92 -9.97 45.54 39.43
CA ARG A 92 -10.60 44.20 39.33
C ARG A 92 -12.12 44.24 39.53
N LYS A 93 -12.59 45.08 40.44
CA LYS A 93 -14.04 45.30 40.65
C LYS A 93 -14.75 46.00 39.52
N LYS A 94 -13.99 46.57 38.60
CA LYS A 94 -14.60 47.16 37.42
C LYS A 94 -14.31 46.32 36.17
N GLY A 95 -13.97 45.07 36.41
CA GLY A 95 -13.67 44.13 35.34
C GLY A 95 -12.26 44.20 34.79
N GLY A 96 -11.36 44.79 35.58
CA GLY A 96 -9.97 44.91 35.21
C GLY A 96 -9.15 43.73 35.70
N LEU A 97 -7.86 43.77 35.37
CA LEU A 97 -6.89 42.78 35.78
C LEU A 97 -6.19 43.24 37.04
N GLY A 98 -6.03 44.56 37.21
CA GLY A 98 -5.08 45.09 38.24
C GLY A 98 -3.64 44.73 37.89
N THR A 99 -2.70 44.86 38.82
CA THR A 99 -1.31 44.56 38.48
C THR A 99 -1.16 43.05 38.41
N MET A 100 -0.43 42.58 37.40
CA MET A 100 -0.31 41.16 37.11
C MET A 100 1.06 40.64 37.45
N ALA A 101 1.15 39.33 37.67
CA ALA A 101 2.41 38.68 38.02
C ALA A 101 2.96 37.80 36.91
N ILE A 102 2.33 37.88 35.74
CA ILE A 102 2.74 37.15 34.56
C ILE A 102 2.78 38.11 33.39
N PRO A 103 3.53 37.77 32.34
CA PRO A 103 3.53 38.65 31.16
C PRO A 103 2.32 38.37 30.26
N ILE A 104 1.89 39.37 29.52
CA ILE A 104 0.83 39.17 28.55
C ILE A 104 1.32 39.54 27.14
N LEU A 105 1.33 38.56 26.27
CA LEU A 105 1.77 38.75 24.89
C LEU A 105 0.74 39.58 24.14
N ALA A 106 1.23 40.43 23.25
CA ALA A 106 0.35 41.19 22.42
C ALA A 106 0.52 40.65 21.02
N ASP A 107 -0.42 39.82 20.61
CA ASP A 107 -0.25 39.04 19.40
C ASP A 107 -0.94 39.79 18.26
N LYS A 108 -0.40 40.97 17.96
CA LYS A 108 -1.14 41.91 17.13
C LYS A 108 -1.29 41.40 15.72
N THR A 109 -0.36 40.58 15.27
CA THR A 109 -0.45 40.07 13.90
C THR A 109 -1.41 38.91 13.82
N LYS A 110 -1.65 38.25 14.97
CA LYS A 110 -2.50 37.05 15.10
C LYS A 110 -1.79 35.78 14.66
N ASN A 111 -0.55 35.89 14.21
CA ASN A 111 0.19 34.72 13.75
C ASN A 111 0.50 33.72 14.86
N ILE A 112 0.65 34.20 16.10
CA ILE A 112 0.88 33.28 17.21
C ILE A 112 -0.33 32.35 17.37
N ALA A 113 -1.51 32.93 17.61
CA ALA A 113 -2.73 32.17 17.70
C ALA A 113 -3.00 31.27 16.46
N ARG A 114 -2.76 31.80 15.26
CA ARG A 114 -2.87 31.03 14.04
C ARG A 114 -1.95 29.81 14.07
N SER A 115 -0.69 30.02 14.48
CA SER A 115 0.28 28.94 14.51
C SER A 115 -0.11 27.88 15.57
N TYR A 116 -0.90 28.29 16.56
CA TYR A 116 -1.36 27.35 17.59
C TYR A 116 -2.73 26.77 17.28
N GLY A 117 -3.29 27.11 16.11
CA GLY A 117 -4.57 26.54 15.70
C GLY A 117 -5.80 27.07 16.45
N VAL A 118 -5.67 28.16 17.18
CA VAL A 118 -6.77 28.62 18.02
C VAL A 118 -7.40 29.94 17.60
N LEU A 119 -7.16 30.38 16.38
CA LEU A 119 -7.77 31.62 15.93
C LEU A 119 -9.16 31.37 15.32
N GLU A 120 -10.19 32.05 15.81
CA GLU A 120 -11.47 32.14 15.11
C GLU A 120 -11.33 33.21 14.04
N GLU A 121 -11.27 32.79 12.78
CA GLU A 121 -10.93 33.72 11.69
C GLU A 121 -12.05 34.71 11.41
N SER A 122 -13.31 34.26 11.59
CA SER A 122 -14.47 35.12 11.42
C SER A 122 -14.45 36.40 12.29
N GLN A 123 -13.96 36.27 13.53
CA GLN A 123 -13.93 37.37 14.49
C GLN A 123 -12.52 37.89 14.73
N GLY A 124 -11.52 37.12 14.32
CA GLY A 124 -10.15 37.53 14.54
C GLY A 124 -9.64 37.48 15.99
N VAL A 125 -10.22 36.60 16.81
CA VAL A 125 -9.82 36.43 18.22
C VAL A 125 -9.47 34.97 18.53
N ALA A 126 -8.69 34.74 19.58
CA ALA A 126 -8.26 33.40 19.90
C ALA A 126 -9.33 32.72 20.72
N TYR A 127 -9.52 31.42 20.46
CA TYR A 127 -10.23 30.53 21.36
C TYR A 127 -9.39 30.34 22.64
N ARG A 128 -9.98 29.72 23.67
CA ARG A 128 -9.31 29.52 24.96
C ARG A 128 -8.39 28.29 24.88
N GLY A 129 -7.26 28.47 24.20
CA GLY A 129 -6.27 27.43 23.99
C GLY A 129 -5.21 27.58 25.03
N LEU A 130 -4.89 26.48 25.68
CA LEU A 130 -3.82 26.45 26.63
C LEU A 130 -2.87 25.30 26.26
N PHE A 131 -1.58 25.54 26.36
CA PHE A 131 -0.58 24.60 25.86
C PHE A 131 0.48 24.36 26.92
N ILE A 132 0.80 23.10 27.17
CA ILE A 132 1.84 22.75 28.12
C ILE A 132 3.05 22.27 27.36
N ILE A 133 4.13 23.02 27.54
CA ILE A 133 5.37 22.88 26.79
C ILE A 133 6.45 22.56 27.81
N ASP A 134 7.22 21.52 27.50
CA ASP A 134 8.26 21.03 28.38
C ASP A 134 9.61 21.78 28.22
N PRO A 135 10.59 21.53 29.12
CA PRO A 135 11.92 22.15 29.04
C PRO A 135 12.66 22.00 27.70
N HIS A 136 12.24 21.06 26.83
CA HIS A 136 12.85 20.90 25.50
C HIS A 136 12.13 21.70 24.40
N GLY A 137 11.02 22.37 24.75
CA GLY A 137 10.27 23.12 23.75
C GLY A 137 9.21 22.28 23.07
N MET A 138 8.96 21.10 23.63
CA MET A 138 8.04 20.11 23.06
C MET A 138 6.67 20.24 23.70
N LEU A 139 5.65 20.34 22.86
CA LEU A 139 4.28 20.40 23.29
C LEU A 139 3.87 19.02 23.82
N ARG A 140 3.19 19.03 24.96
CA ARG A 140 2.83 17.83 25.70
C ARG A 140 1.33 17.75 25.94
N GLN A 141 0.65 18.90 25.90
CA GLN A 141 -0.77 18.93 26.21
C GLN A 141 -1.47 20.05 25.54
N ILE A 142 -2.69 19.78 25.05
CA ILE A 142 -3.52 20.79 24.41
C ILE A 142 -4.89 20.86 25.08
N THR A 143 -5.32 22.08 25.41
CA THR A 143 -6.63 22.31 26.00
C THR A 143 -7.28 23.47 25.26
N VAL A 144 -8.41 23.25 24.60
CA VAL A 144 -9.04 24.35 23.93
C VAL A 144 -10.50 24.44 24.32
N ASN A 145 -10.89 25.55 24.94
CA ASN A 145 -12.32 25.77 25.26
C ASN A 145 -12.98 26.76 24.33
N ASP A 146 -14.28 26.59 24.09
CA ASP A 146 -15.13 27.60 23.48
C ASP A 146 -15.13 28.89 24.31
N MET A 147 -15.42 29.99 23.65
CA MET A 147 -15.48 31.34 24.32
C MET A 147 -16.17 31.43 25.70
N PRO A 148 -17.38 30.82 25.88
CA PRO A 148 -18.12 31.04 27.15
C PRO A 148 -17.70 30.25 28.38
N VAL A 149 -16.76 29.32 28.28
CA VAL A 149 -16.39 28.47 29.43
C VAL A 149 -14.92 28.59 29.84
N GLY A 150 -14.69 28.95 31.11
CA GLY A 150 -13.35 29.12 31.66
C GLY A 150 -12.57 27.84 31.82
N ARG A 151 -11.24 27.98 31.85
CA ARG A 151 -10.35 26.82 32.06
C ARG A 151 -10.15 26.56 33.58
N SER A 152 -9.42 25.51 33.94
CA SER A 152 -9.21 25.17 35.36
C SER A 152 -7.74 25.23 35.78
N VAL A 153 -7.43 26.17 36.65
CA VAL A 153 -6.06 26.27 37.13
C VAL A 153 -5.62 24.97 37.79
N GLU A 154 -6.50 24.34 38.57
CA GLU A 154 -6.11 23.15 39.32
C GLU A 154 -5.81 21.96 38.39
N GLU A 155 -6.62 21.85 37.34
CA GLU A 155 -6.41 20.79 36.36
C GLU A 155 -5.05 20.97 35.70
N VAL A 156 -4.67 22.22 35.43
CA VAL A 156 -3.41 22.46 34.77
C VAL A 156 -2.24 22.03 35.66
N LEU A 157 -2.28 22.45 36.94
CA LEU A 157 -1.31 21.98 37.95
C LEU A 157 -1.25 20.44 38.09
N ARG A 158 -2.41 19.77 38.05
CA ARG A 158 -2.44 18.32 38.10
C ARG A 158 -1.66 17.73 36.92
N LEU A 159 -1.92 18.25 35.73
CA LEU A 159 -1.20 17.84 34.51
C LEU A 159 0.32 18.04 34.55
N LEU A 160 0.80 19.24 34.92
CA LEU A 160 2.23 19.46 35.17
C LEU A 160 2.82 18.45 36.11
N GLU A 161 2.16 18.20 37.24
CA GLU A 161 2.73 17.32 38.24
C GLU A 161 2.78 15.90 37.67
N ALA A 162 1.74 15.52 36.93
CA ALA A 162 1.70 14.21 36.32
C ALA A 162 2.88 14.07 35.37
N PHE A 163 3.10 15.06 34.50
CA PHE A 163 4.18 14.99 33.50
C PHE A 163 5.54 14.98 34.19
N GLN A 164 5.66 15.71 35.29
CA GLN A 164 6.94 15.78 35.96
C GLN A 164 7.24 14.48 36.64
N PHE A 165 6.18 13.83 37.13
CA PHE A 165 6.24 12.52 37.74
C PHE A 165 6.70 11.49 36.72
N VAL A 166 6.06 11.52 35.56
CA VAL A 166 6.42 10.69 34.42
C VAL A 166 7.93 10.74 34.14
N GLU A 167 8.45 11.96 33.99
CA GLU A 167 9.84 12.20 33.54
C GLU A 167 10.80 11.88 34.65
N LYS A 168 10.33 11.93 35.89
CA LYS A 168 11.20 11.58 37.00
C LYS A 168 11.33 10.08 37.21
N HIS A 169 10.20 9.37 37.22
CA HIS A 169 10.20 7.98 37.68
C HIS A 169 10.09 6.95 36.58
N GLY A 170 9.93 7.43 35.34
CA GLY A 170 9.75 6.55 34.21
C GLY A 170 8.53 5.66 34.31
N GLU A 171 7.48 6.18 34.96
CA GLU A 171 6.19 5.50 35.09
C GLU A 171 5.11 6.33 34.36
N VAL A 172 3.91 5.77 34.17
CA VAL A 172 2.82 6.52 33.57
C VAL A 172 1.74 6.84 34.60
N CYS A 173 0.98 7.91 34.33
CA CYS A 173 -0.10 8.40 35.21
C CYS A 173 -1.48 8.06 34.70
N PRO A 174 -2.15 7.17 35.43
CA PRO A 174 -3.50 6.72 35.11
C PRO A 174 -4.54 7.86 35.11
N ALA A 175 -5.74 7.55 34.63
CA ALA A 175 -6.87 8.44 34.73
C ALA A 175 -6.99 9.02 36.15
N ASN A 176 -7.21 10.33 36.23
CA ASN A 176 -7.49 11.03 37.51
C ASN A 176 -6.29 11.15 38.46
N TRP A 177 -5.13 10.64 38.08
CA TRP A 177 -3.90 10.77 38.90
C TRP A 177 -3.72 12.20 39.47
N LYS A 178 -3.50 12.27 40.77
CA LYS A 178 -3.05 13.48 41.47
C LYS A 178 -1.77 13.17 42.27
N LYS A 179 -1.02 14.21 42.64
CA LYS A 179 0.21 14.07 43.47
C LYS A 179 -0.01 13.09 44.62
N GLY A 180 0.96 12.19 44.81
CA GLY A 180 0.90 11.18 45.85
C GLY A 180 0.22 9.88 45.45
N ASP A 181 -0.44 9.84 44.30
CA ASP A 181 -1.01 8.58 43.78
C ASP A 181 0.14 7.76 43.17
N PRO A 182 -0.01 6.42 43.13
CA PRO A 182 1.04 5.62 42.49
C PRO A 182 1.02 5.78 40.97
N GLY A 183 2.19 5.70 40.34
CA GLY A 183 2.23 5.50 38.91
C GLY A 183 2.27 4.02 38.57
N MET A 184 2.38 3.73 37.29
CA MET A 184 2.40 2.36 36.83
C MET A 184 3.59 2.24 35.87
N LYS A 185 4.36 1.14 35.97
CA LYS A 185 5.41 0.86 34.97
C LYS A 185 4.76 0.40 33.66
N PRO A 186 5.03 1.08 32.55
CA PRO A 186 4.41 0.69 31.27
C PRO A 186 5.09 -0.55 30.63
N GLU A 187 4.95 -1.70 31.29
CA GLU A 187 5.45 -3.01 30.81
C GLU A 187 4.38 -4.04 31.16
N PRO A 188 4.18 -5.06 30.30
CA PRO A 188 3.05 -5.98 30.50
C PRO A 188 3.01 -6.62 31.89
N ASN A 189 4.12 -7.23 32.33
CA ASN A 189 4.11 -7.92 33.62
C ASN A 189 4.17 -6.98 34.83
N ALA A 190 5.05 -6.00 34.78
CA ALA A 190 5.25 -5.03 35.87
C ALA A 190 4.02 -4.15 36.10
N SER A 191 3.16 -4.01 35.08
CA SER A 191 1.96 -3.20 35.23
C SER A 191 0.92 -4.01 35.97
N VAL A 192 0.84 -5.31 35.67
CA VAL A 192 -0.02 -6.26 36.34
C VAL A 192 0.47 -6.45 37.79
N GLU A 193 1.75 -6.78 37.97
CA GLU A 193 2.34 -7.05 39.29
C GLU A 193 2.11 -5.86 40.23
N GLY A 194 2.53 -4.69 39.79
CA GLY A 194 2.56 -3.50 40.66
C GLY A 194 1.31 -2.64 40.68
N TYR A 195 0.41 -2.81 39.71
CA TYR A 195 -0.78 -1.97 39.65
C TYR A 195 -2.09 -2.76 39.55
N PHE A 196 -2.30 -3.40 38.40
CA PHE A 196 -3.59 -4.02 38.13
C PHE A 196 -4.00 -5.03 39.21
N SER A 197 -3.08 -5.88 39.64
CA SER A 197 -3.39 -6.87 40.69
C SER A 197 -3.91 -6.28 42.01
N LYS A 198 -3.64 -5.00 42.26
CA LYS A 198 -4.10 -4.38 43.50
C LYS A 198 -5.43 -3.61 43.34
N GLN A 199 -6.20 -3.94 42.31
CA GLN A 199 -7.45 -3.25 42.06
C GLN A 199 -8.63 -4.04 42.64
N SER B 2 -7.33 25.10 13.75
CA SER B 2 -8.14 23.96 14.26
C SER B 2 -7.32 22.68 14.44
N CYS B 3 -7.97 21.68 15.04
CA CYS B 3 -7.39 20.38 15.35
C CYS B 3 -7.70 19.29 14.29
N GLY B 4 -6.84 19.14 13.29
CA GLY B 4 -7.20 18.36 12.10
C GLY B 4 -8.40 19.03 11.45
N ASN B 5 -9.50 18.29 11.28
CA ASN B 5 -10.75 18.92 10.80
C ASN B 5 -11.65 19.36 11.92
N ALA B 6 -11.29 19.03 13.16
CA ALA B 6 -12.09 19.40 14.31
C ALA B 6 -11.87 20.86 14.70
N LYS B 7 -12.86 21.70 14.42
CA LYS B 7 -12.82 23.11 14.75
CA LYS B 7 -12.86 23.14 14.71
C LYS B 7 -13.94 23.41 15.73
N ILE B 8 -13.61 24.17 16.76
CA ILE B 8 -14.58 24.58 17.75
C ILE B 8 -15.62 25.43 17.04
N ASN B 9 -16.89 25.13 17.32
CA ASN B 9 -18.08 25.77 16.76
C ASN B 9 -18.34 25.41 15.31
N SER B 10 -17.69 24.35 14.84
CA SER B 10 -17.99 23.73 13.55
C SER B 10 -18.59 22.37 13.87
N PRO B 11 -19.37 21.82 12.94
CA PRO B 11 -19.78 20.41 13.10
C PRO B 11 -18.55 19.52 13.29
N ALA B 12 -18.58 18.71 14.35
CA ALA B 12 -17.58 17.70 14.62
C ALA B 12 -17.53 16.69 13.47
N PRO B 13 -16.31 16.31 13.02
CA PRO B 13 -16.15 15.31 11.96
C PRO B 13 -17.10 14.13 12.16
N SER B 14 -17.87 13.85 11.11
CA SER B 14 -18.86 12.80 11.15
C SER B 14 -18.15 11.47 10.92
N PHE B 15 -18.78 10.40 11.36
CA PHE B 15 -18.25 9.06 11.11
C PHE B 15 -19.36 8.05 11.26
N GLU B 16 -19.17 6.88 10.66
CA GLU B 16 -19.99 5.71 10.89
C GLU B 16 -19.03 4.52 10.93
N GLU B 17 -18.96 3.88 12.10
CA GLU B 17 -17.98 2.83 12.31
C GLU B 17 -18.46 1.68 13.21
N VAL B 18 -17.90 0.48 13.01
CA VAL B 18 -18.17 -0.62 13.92
C VAL B 18 -17.71 -0.32 15.34
N ALA B 19 -18.53 -0.71 16.32
CA ALA B 19 -18.19 -0.51 17.72
C ALA B 19 -18.43 -1.79 18.45
N LEU B 20 -17.66 -2.04 19.50
CA LEU B 20 -18.07 -3.04 20.48
C LEU B 20 -19.08 -2.40 21.43
N MET B 21 -20.29 -2.94 21.46
CA MET B 21 -21.34 -2.47 22.35
C MET B 21 -21.22 -3.02 23.76
N PRO B 22 -21.85 -2.34 24.73
CA PRO B 22 -21.89 -2.81 26.12
C PRO B 22 -22.30 -4.27 26.29
N ASN B 23 -23.20 -4.77 25.46
CA ASN B 23 -23.59 -6.19 25.52
C ASN B 23 -22.62 -7.11 24.77
N GLY B 24 -21.49 -6.58 24.33
CA GLY B 24 -20.50 -7.41 23.62
C GLY B 24 -20.84 -7.82 22.21
N SER B 25 -21.86 -7.19 21.62
CA SER B 25 -22.11 -7.30 20.17
C SER B 25 -21.36 -6.26 19.33
N PHE B 26 -21.34 -6.44 18.02
CA PHE B 26 -20.78 -5.45 17.11
C PHE B 26 -21.93 -4.70 16.47
N LYS B 27 -21.84 -3.37 16.45
CA LYS B 27 -22.87 -2.54 15.80
C LYS B 27 -22.22 -1.34 15.16
N LYS B 28 -22.68 -0.94 13.97
CA LYS B 28 -22.22 0.25 13.33
C LYS B 28 -22.82 1.46 14.06
N ILE B 29 -21.95 2.35 14.53
CA ILE B 29 -22.38 3.56 15.21
C ILE B 29 -22.04 4.77 14.32
N SER B 30 -22.96 5.74 14.28
CA SER B 30 -22.66 7.03 13.68
C SER B 30 -22.87 8.17 14.64
N LEU B 31 -22.01 9.18 14.54
CA LEU B 31 -22.10 10.37 15.37
C LEU B 31 -23.44 11.08 15.21
N SER B 32 -23.92 11.16 13.97
CA SER B 32 -25.22 11.76 13.72
C SER B 32 -26.37 11.15 14.53
N SER B 33 -26.23 9.91 14.95
CA SER B 33 -27.31 9.29 15.71
C SER B 33 -27.38 9.87 17.12
N TYR B 34 -26.39 10.68 17.49
CA TYR B 34 -26.40 11.31 18.84
C TYR B 34 -27.00 12.71 18.89
N LYS B 35 -27.40 13.26 17.75
CA LYS B 35 -28.04 14.57 17.73
C LYS B 35 -29.11 14.57 18.78
N GLY B 36 -29.21 15.66 19.51
CA GLY B 36 -30.15 15.78 20.63
C GLY B 36 -29.50 15.56 21.99
N LYS B 37 -28.33 14.95 22.00
CA LYS B 37 -27.61 14.73 23.26
C LYS B 37 -26.20 15.27 23.16
N TRP B 38 -25.59 15.53 24.31
CA TRP B 38 -24.18 15.78 24.36
C TRP B 38 -23.41 14.46 24.13
N VAL B 39 -22.18 14.53 23.64
CA VAL B 39 -21.35 13.33 23.44
C VAL B 39 -19.95 13.64 23.89
N VAL B 40 -19.36 12.78 24.70
CA VAL B 40 -17.94 12.83 24.94
C VAL B 40 -17.29 11.70 24.10
N LEU B 41 -16.52 12.12 23.10
CA LEU B 41 -15.79 11.18 22.26
C LEU B 41 -14.36 11.20 22.80
N PHE B 42 -13.78 10.05 23.07
CA PHE B 42 -12.42 10.07 23.56
C PHE B 42 -11.63 8.93 22.97
N PHE B 43 -10.47 9.30 22.45
CA PHE B 43 -9.51 8.39 21.85
C PHE B 43 -8.45 7.96 22.86
N TYR B 44 -7.88 6.77 22.61
CA TYR B 44 -6.74 6.29 23.38
C TYR B 44 -5.87 5.48 22.41
N PRO B 45 -4.54 5.41 22.66
CA PRO B 45 -3.64 4.78 21.70
C PRO B 45 -3.82 3.30 21.43
N LEU B 46 -3.81 2.46 22.47
CA LEU B 46 -3.77 0.98 22.26
C LEU B 46 -4.47 0.11 23.28
N ASP B 47 -5.31 -0.79 22.79
CA ASP B 47 -5.82 -1.89 23.67
C ASP B 47 -4.64 -2.63 24.33
N PHE B 48 -4.87 -3.22 25.50
CA PHE B 48 -3.85 -4.05 26.16
C PHE B 48 -2.61 -3.30 26.62
N THR B 49 -2.74 -2.00 26.88
CA THR B 49 -1.63 -1.23 27.44
C THR B 49 -1.94 -0.70 28.83
N PHE B 50 -1.53 0.53 29.12
CA PHE B 50 -1.34 0.95 30.54
C PHE B 50 -2.24 2.07 31.06
N VAL B 51 -2.10 3.29 30.53
CA VAL B 51 -3.02 4.37 30.92
C VAL B 51 -4.38 4.04 30.33
N CYS B 52 -4.37 3.57 29.08
CA CYS B 52 -5.59 3.30 28.36
C CYS B 52 -6.69 2.55 29.15
N PRO B 53 -6.41 1.34 29.71
CA PRO B 53 -7.54 0.73 30.48
C PRO B 53 -8.05 1.61 31.61
N THR B 54 -7.15 2.32 32.29
CA THR B 54 -7.59 3.11 33.42
C THR B 54 -8.57 4.19 33.01
N GLU B 55 -8.48 4.69 31.78
CA GLU B 55 -9.38 5.75 31.29
C GLU B 55 -10.68 5.18 30.76
N VAL B 56 -10.58 4.07 30.04
CA VAL B 56 -11.77 3.41 29.54
C VAL B 56 -12.61 3.01 30.76
N ILE B 57 -11.98 2.38 31.76
CA ILE B 57 -12.68 1.95 32.96
C ILE B 57 -13.30 3.13 33.73
N ALA B 58 -12.54 4.21 33.88
CA ALA B 58 -13.01 5.41 34.61
C ALA B 58 -14.24 6.00 33.95
N PHE B 59 -14.23 6.18 32.65
CA PHE B 59 -15.39 6.70 31.96
C PHE B 59 -16.56 5.73 31.95
N SER B 60 -16.29 4.44 31.75
CA SER B 60 -17.33 3.43 31.91
C SER B 60 -18.00 3.50 33.30
N ASP B 61 -17.21 3.45 34.38
CA ASP B 61 -17.73 3.41 35.74
C ASP B 61 -18.51 4.69 36.05
N SER B 62 -18.17 5.79 35.35
CA SER B 62 -18.78 7.07 35.61
C SER B 62 -19.87 7.40 34.62
N VAL B 63 -20.27 6.42 33.83
CA VAL B 63 -21.19 6.69 32.74
C VAL B 63 -22.55 7.31 33.15
N SER B 64 -23.03 7.06 34.37
CA SER B 64 -24.38 7.52 34.70
C SER B 64 -24.37 9.02 35.00
N ARG B 65 -23.28 9.50 35.59
CA ARG B 65 -23.02 10.92 35.80
C ARG B 65 -23.04 11.67 34.48
N PHE B 66 -22.63 11.01 33.39
CA PHE B 66 -22.77 11.62 32.08
C PHE B 66 -24.21 11.54 31.60
N ASN B 67 -24.83 10.36 31.75
CA ASN B 67 -26.17 10.15 31.26
C ASN B 67 -27.22 11.04 31.98
N GLU B 68 -27.00 11.32 33.26
CA GLU B 68 -27.78 12.29 34.06
C GLU B 68 -27.83 13.69 33.44
N LEU B 69 -26.77 14.04 32.71
CA LEU B 69 -26.62 15.35 32.14
C LEU B 69 -26.86 15.26 30.64
N ASN B 70 -27.64 14.28 30.21
CA ASN B 70 -27.98 14.12 28.80
C ASN B 70 -26.77 13.99 27.87
N CYS B 71 -25.72 13.33 28.40
CA CYS B 71 -24.50 13.15 27.66
C CYS B 71 -24.12 11.69 27.49
N GLU B 72 -23.85 11.31 26.26
CA GLU B 72 -23.34 9.98 25.99
C GLU B 72 -21.81 9.97 26.01
N VAL B 73 -21.25 8.78 26.13
CA VAL B 73 -19.79 8.57 26.17
C VAL B 73 -19.41 7.50 25.18
N LEU B 74 -18.30 7.73 24.47
CA LEU B 74 -17.94 6.90 23.37
C LEU B 74 -16.41 6.88 23.36
N ALA B 75 -15.82 5.69 23.40
CA ALA B 75 -14.37 5.55 23.42
C ALA B 75 -13.98 5.11 22.04
N CYS B 76 -12.72 5.32 21.68
CA CYS B 76 -12.21 4.93 20.35
C CYS B 76 -10.72 4.65 20.36
N SER B 77 -10.33 3.54 19.73
CA SER B 77 -8.93 3.31 19.42
C SER B 77 -8.82 2.74 18.01
N ILE B 78 -7.60 2.68 17.48
CA ILE B 78 -7.32 2.11 16.16
C ILE B 78 -7.41 0.56 16.12
N ASP B 79 -7.63 -0.06 17.29
CA ASP B 79 -7.67 -1.53 17.40
C ASP B 79 -8.98 -2.04 16.78
N SER B 80 -8.97 -3.30 16.34
CA SER B 80 -10.16 -4.00 15.86
C SER B 80 -11.18 -4.23 16.94
N GLU B 81 -12.41 -4.49 16.49
CA GLU B 81 -13.51 -4.75 17.36
C GLU B 81 -13.32 -6.10 18.05
N TYR B 82 -12.55 -6.99 17.41
CA TYR B 82 -12.19 -8.27 18.01
C TYR B 82 -11.18 -8.07 19.12
N ALA B 83 -10.26 -7.13 18.97
CA ALA B 83 -9.35 -6.82 20.07
C ALA B 83 -10.13 -6.25 21.23
N HIS B 84 -11.05 -5.31 20.95
CA HIS B 84 -11.93 -4.77 22.01
C HIS B 84 -12.64 -5.84 22.80
N LEU B 85 -13.28 -6.77 22.08
CA LEU B 85 -13.95 -7.91 22.72
C LEU B 85 -13.04 -8.67 23.67
N GLN B 86 -11.88 -9.12 23.15
CA GLN B 86 -10.96 -9.85 24.00
C GLN B 86 -10.54 -9.03 25.21
N TRP B 87 -10.33 -7.73 25.00
CA TRP B 87 -10.02 -6.88 26.14
C TRP B 87 -11.14 -6.83 27.17
N THR B 88 -12.40 -6.90 26.72
CA THR B 88 -13.50 -6.85 27.74
C THR B 88 -13.59 -8.17 28.45
N LEU B 89 -13.01 -9.20 27.82
CA LEU B 89 -13.05 -10.56 28.39
C LEU B 89 -11.91 -10.81 29.39
N GLN B 90 -10.90 -9.93 29.37
CA GLN B 90 -9.79 -10.02 30.30
C GLN B 90 -10.14 -9.38 31.64
N ASP B 91 -9.70 -9.99 32.75
CA ASP B 91 -9.92 -9.40 34.06
C ASP B 91 -9.28 -8.03 34.28
N ARG B 92 -10.00 -7.10 34.90
CA ARG B 92 -9.40 -5.83 35.29
C ARG B 92 -8.13 -6.01 36.11
N LYS B 93 -8.11 -6.98 37.02
CA LYS B 93 -6.91 -7.26 37.83
C LYS B 93 -5.76 -7.79 36.98
N LYS B 94 -6.04 -8.15 35.73
CA LYS B 94 -4.99 -8.48 34.78
C LYS B 94 -4.82 -7.45 33.65
N GLY B 95 -5.29 -6.22 33.93
CA GLY B 95 -5.14 -5.11 32.98
C GLY B 95 -6.15 -5.13 31.84
N GLY B 96 -7.19 -5.94 32.00
CA GLY B 96 -8.29 -5.98 31.07
C GLY B 96 -9.30 -4.90 31.37
N LEU B 97 -10.34 -4.82 30.55
CA LEU B 97 -11.43 -3.89 30.73
C LEU B 97 -12.56 -4.43 31.59
N GLY B 98 -12.79 -5.76 31.54
CA GLY B 98 -14.02 -6.35 32.06
C GLY B 98 -15.25 -5.90 31.26
N THR B 99 -16.42 -6.06 31.85
CA THR B 99 -17.63 -5.57 31.26
C THR B 99 -17.65 -4.04 31.18
N MET B 100 -18.04 -3.53 30.03
CA MET B 100 -18.07 -2.10 29.76
C MET B 100 -19.49 -1.54 29.76
N ALA B 101 -19.64 -0.29 30.21
CA ALA B 101 -20.95 0.38 30.16
C ALA B 101 -21.00 1.41 29.01
N ILE B 102 -19.99 1.38 28.15
CA ILE B 102 -19.91 2.30 27.00
C ILE B 102 -19.42 1.56 25.75
N PRO B 103 -19.80 2.06 24.57
CA PRO B 103 -19.32 1.43 23.34
C PRO B 103 -17.90 1.85 23.06
N ILE B 104 -17.17 1.03 22.31
CA ILE B 104 -15.83 1.38 21.89
C ILE B 104 -15.70 1.27 20.39
N LEU B 105 -15.49 2.40 19.72
CA LEU B 105 -15.28 2.30 18.26
C LEU B 105 -13.99 1.56 17.93
N ALA B 106 -14.00 0.86 16.80
CA ALA B 106 -12.77 0.28 16.28
C ALA B 106 -12.39 1.03 15.01
N ASP B 107 -11.52 2.02 15.15
CA ASP B 107 -11.16 2.93 14.05
C ASP B 107 -10.05 2.32 13.18
N LYS B 108 -10.37 1.21 12.52
CA LYS B 108 -9.35 0.43 11.85
C LYS B 108 -8.69 1.13 10.64
N THR B 109 -9.37 2.06 10.00
CA THR B 109 -8.71 2.82 8.93
C THR B 109 -7.92 4.02 9.47
N LYS B 110 -8.06 4.28 10.77
CA LYS B 110 -7.45 5.47 11.43
C LYS B 110 -8.05 6.80 11.02
N ASN B 111 -8.99 6.79 10.08
CA ASN B 111 -9.53 8.03 9.55
C ASN B 111 -10.35 8.82 10.56
N ILE B 112 -11.00 8.16 11.51
CA ILE B 112 -11.62 8.94 12.59
C ILE B 112 -10.53 9.75 13.32
N ALA B 113 -9.51 9.08 13.84
CA ALA B 113 -8.43 9.78 14.56
C ALA B 113 -7.79 10.90 13.73
N ARG B 114 -7.55 10.65 12.43
CA ARG B 114 -7.12 11.68 11.47
C ARG B 114 -8.07 12.88 11.39
N SER B 115 -9.36 12.62 11.22
CA SER B 115 -10.32 13.71 11.06
C SER B 115 -10.32 14.62 12.30
N TYR B 116 -10.12 14.01 13.48
CA TYR B 116 -9.97 14.74 14.76
C TYR B 116 -8.56 15.24 15.09
N GLY B 117 -7.59 14.93 14.23
CA GLY B 117 -6.24 15.46 14.33
C GLY B 117 -5.50 14.94 15.55
N VAL B 118 -5.66 13.67 15.85
CA VAL B 118 -4.99 13.08 17.02
C VAL B 118 -4.21 11.80 16.67
N LEU B 119 -4.03 11.51 15.39
CA LEU B 119 -3.23 10.35 15.02
C LEU B 119 -1.74 10.67 15.16
N GLU B 120 -0.96 9.78 15.78
CA GLU B 120 0.51 9.86 15.66
C GLU B 120 0.87 9.00 14.46
N GLU B 121 1.26 9.62 13.35
CA GLU B 121 1.44 8.91 12.09
C GLU B 121 2.63 7.93 12.13
N SER B 122 3.67 8.29 12.87
CA SER B 122 4.87 7.50 12.94
C SER B 122 4.64 6.13 13.59
N GLN B 123 3.65 6.05 14.46
CA GLN B 123 3.30 4.81 15.18
C GLN B 123 1.88 4.32 14.84
N GLY B 124 1.08 5.17 14.19
CA GLY B 124 -0.30 4.83 13.83
C GLY B 124 -1.29 4.65 14.97
N VAL B 125 -1.09 5.41 16.06
CA VAL B 125 -2.01 5.37 17.23
C VAL B 125 -2.47 6.79 17.59
N ALA B 126 -3.56 6.87 18.37
CA ALA B 126 -4.18 8.15 18.64
C ALA B 126 -3.62 8.65 19.93
N TYR B 127 -3.33 9.95 20.00
CA TYR B 127 -3.10 10.57 21.28
C TYR B 127 -4.40 10.53 22.13
N ARG B 128 -4.25 10.80 23.42
CA ARG B 128 -5.38 10.86 24.32
C ARG B 128 -6.24 12.13 24.05
N GLY B 129 -6.86 12.18 22.87
CA GLY B 129 -7.76 13.24 22.48
C GLY B 129 -9.18 12.98 22.99
N LEU B 130 -9.82 14.05 23.49
CA LEU B 130 -11.17 13.95 23.96
C LEU B 130 -11.92 15.22 23.55
N PHE B 131 -13.13 15.01 23.04
CA PHE B 131 -13.94 16.07 22.42
C PHE B 131 -15.35 16.14 22.99
N ILE B 132 -15.77 17.35 23.32
CA ILE B 132 -17.12 17.55 23.85
C ILE B 132 -17.95 18.12 22.75
N ILE B 133 -18.99 17.38 22.36
CA ILE B 133 -19.80 17.71 21.20
C ILE B 133 -21.20 17.98 21.74
N ASP B 134 -21.83 19.07 21.31
CA ASP B 134 -23.18 19.41 21.86
C ASP B 134 -24.39 18.77 21.06
N PRO B 135 -25.65 19.00 21.52
CA PRO B 135 -26.79 18.32 20.89
C PRO B 135 -27.02 18.65 19.42
N HIS B 136 -26.32 19.67 18.91
CA HIS B 136 -26.42 20.07 17.53
C HIS B 136 -25.34 19.45 16.67
N GLY B 137 -24.45 18.71 17.29
CA GLY B 137 -23.32 18.17 16.54
C GLY B 137 -22.10 19.09 16.46
N MET B 138 -22.12 20.19 17.20
CA MET B 138 -21.02 21.17 17.16
C MET B 138 -19.95 20.83 18.22
N LEU B 139 -18.68 20.84 17.83
CA LEU B 139 -17.57 20.72 18.75
C LEU B 139 -17.44 21.95 19.65
N ARG B 140 -17.38 21.71 20.95
CA ARG B 140 -17.28 22.78 21.94
C ARG B 140 -15.95 22.81 22.71
N GLN B 141 -15.25 21.67 22.79
CA GLN B 141 -14.08 21.54 23.66
C GLN B 141 -13.16 20.45 23.15
N ILE B 142 -11.86 20.73 23.21
CA ILE B 142 -10.80 19.82 22.83
C ILE B 142 -9.82 19.61 23.97
N THR B 143 -9.54 18.35 24.30
CA THR B 143 -8.50 18.05 25.27
C THR B 143 -7.60 17.00 24.65
N VAL B 144 -6.30 17.28 24.55
CA VAL B 144 -5.35 16.29 24.04
C VAL B 144 -4.15 16.12 24.96
N ASN B 145 -4.00 14.89 25.46
CA ASN B 145 -2.83 14.53 26.27
C ASN B 145 -1.86 13.67 25.52
N ASP B 146 -0.58 13.91 25.78
CA ASP B 146 0.52 13.01 25.36
C ASP B 146 0.25 11.64 26.05
N MET B 147 0.90 10.59 25.56
CA MET B 147 0.59 9.19 25.91
C MET B 147 0.70 8.78 27.39
N PRO B 148 1.67 9.35 28.14
CA PRO B 148 1.88 8.77 29.46
C PRO B 148 1.04 9.39 30.55
N VAL B 149 0.16 10.34 30.19
CA VAL B 149 -0.59 11.10 31.19
C VAL B 149 -2.07 10.99 30.93
N GLY B 150 -2.79 10.43 31.90
CA GLY B 150 -4.22 10.19 31.75
C GLY B 150 -5.00 11.47 31.96
N ARG B 151 -6.22 11.42 31.47
CA ARG B 151 -7.20 12.45 31.61
C ARG B 151 -7.90 12.43 32.98
N SER B 152 -8.71 13.49 33.22
CA SER B 152 -9.57 13.63 34.38
C SER B 152 -11.07 13.57 34.03
N VAL B 153 -11.76 12.59 34.59
CA VAL B 153 -13.21 12.50 34.47
C VAL B 153 -13.90 13.68 35.18
N GLU B 154 -13.36 14.08 36.33
CA GLU B 154 -13.97 15.15 37.10
C GLU B 154 -14.01 16.46 36.32
N GLU B 155 -12.86 16.81 35.74
CA GLU B 155 -12.74 17.93 34.83
C GLU B 155 -13.66 17.85 33.62
N VAL B 156 -13.81 16.67 33.03
CA VAL B 156 -14.71 16.57 31.89
C VAL B 156 -16.17 16.85 32.30
N LEU B 157 -16.56 16.37 33.48
CA LEU B 157 -17.90 16.60 33.96
C LEU B 157 -18.07 18.08 34.30
N ARG B 158 -17.04 18.66 34.94
CA ARG B 158 -17.00 20.10 35.21
C ARG B 158 -17.27 20.92 33.95
N LEU B 159 -16.68 20.51 32.83
CA LEU B 159 -16.82 21.27 31.61
C LEU B 159 -18.19 21.07 30.97
N LEU B 160 -18.66 19.84 31.04
CA LEU B 160 -19.97 19.52 30.54
C LEU B 160 -21.00 20.40 31.22
N GLU B 161 -20.93 20.51 32.52
CA GLU B 161 -21.88 21.28 33.29
C GLU B 161 -21.77 22.78 33.05
N ALA B 162 -20.54 23.26 32.81
CA ALA B 162 -20.33 24.66 32.53
C ALA B 162 -21.01 24.92 31.20
N PHE B 163 -20.82 24.05 30.22
CA PHE B 163 -21.47 24.25 28.94
C PHE B 163 -22.98 24.22 29.00
N GLN B 164 -23.51 23.36 29.85
CA GLN B 164 -24.94 23.24 29.93
C GLN B 164 -25.50 24.45 30.67
N PHE B 165 -24.75 24.93 31.65
CA PHE B 165 -25.08 26.19 32.32
C PHE B 165 -25.20 27.34 31.30
N VAL B 166 -24.15 27.54 30.51
CA VAL B 166 -24.09 28.52 29.40
C VAL B 166 -25.32 28.45 28.50
N GLU B 167 -25.67 27.24 28.07
CA GLU B 167 -26.77 27.07 27.13
C GLU B 167 -28.13 27.39 27.76
N LYS B 168 -28.26 27.10 29.06
CA LYS B 168 -29.48 27.27 29.81
C LYS B 168 -29.73 28.73 30.13
N HIS B 169 -28.75 29.37 30.76
CA HIS B 169 -28.91 30.71 31.28
C HIS B 169 -28.41 31.83 30.40
N GLY B 170 -27.82 31.53 29.24
CA GLY B 170 -27.21 32.58 28.39
C GLY B 170 -26.16 33.44 29.11
N GLU B 171 -25.35 32.80 29.94
CA GLU B 171 -24.30 33.44 30.70
C GLU B 171 -22.97 32.71 30.40
N VAL B 172 -21.86 33.22 30.91
CA VAL B 172 -20.55 32.60 30.75
C VAL B 172 -19.99 32.13 32.09
N CYS B 173 -19.13 31.09 32.04
CA CYS B 173 -18.56 30.52 33.23
C CYS B 173 -17.09 30.96 33.40
N PRO B 174 -16.78 31.63 34.53
CA PRO B 174 -15.44 32.06 34.90
C PRO B 174 -14.46 30.89 35.06
N ALA B 175 -13.17 31.23 35.16
CA ALA B 175 -12.14 30.28 35.53
C ALA B 175 -12.58 29.45 36.70
N ASN B 176 -12.29 28.14 36.67
CA ASN B 176 -12.54 27.30 37.84
C ASN B 176 -14.01 27.13 38.21
N TRP B 177 -14.93 27.60 37.36
CA TRP B 177 -16.36 27.44 37.61
C TRP B 177 -16.70 25.98 37.89
N LYS B 178 -17.61 25.83 38.84
CA LYS B 178 -17.99 24.54 39.41
C LYS B 178 -19.53 24.54 39.50
N LYS B 179 -20.15 23.38 39.36
CA LYS B 179 -21.60 23.25 39.54
C LYS B 179 -22.05 24.00 40.79
N GLY B 180 -23.01 24.89 40.63
CA GLY B 180 -23.57 25.67 41.73
C GLY B 180 -23.14 27.11 41.70
N ASP B 181 -22.02 27.37 41.04
CA ASP B 181 -21.43 28.72 41.02
C ASP B 181 -22.28 29.59 40.10
N PRO B 182 -22.27 30.90 40.32
CA PRO B 182 -22.91 31.79 39.37
C PRO B 182 -22.07 31.95 38.10
N GLY B 183 -22.72 32.26 36.98
CA GLY B 183 -21.99 32.78 35.80
C GLY B 183 -22.03 34.31 35.75
N MET B 184 -21.64 34.89 34.62
CA MET B 184 -21.80 36.33 34.42
C MET B 184 -22.44 36.59 33.09
N LYS B 185 -23.31 37.61 33.08
CA LYS B 185 -23.89 38.12 31.87
C LYS B 185 -22.75 38.70 31.05
N PRO B 186 -22.64 38.26 29.78
CA PRO B 186 -21.52 38.70 28.93
C PRO B 186 -21.79 40.07 28.31
N GLU B 187 -21.93 41.07 29.17
CA GLU B 187 -22.25 42.46 28.76
C GLU B 187 -21.45 43.40 29.65
N PRO B 188 -20.91 44.50 29.07
CA PRO B 188 -20.08 45.41 29.86
C PRO B 188 -20.71 45.83 31.20
N ASN B 189 -21.92 46.37 31.18
CA ASN B 189 -22.54 46.89 32.40
C ASN B 189 -23.00 45.82 33.36
N ALA B 190 -23.75 44.85 32.83
CA ALA B 190 -24.22 43.71 33.64
C ALA B 190 -23.10 42.85 34.28
N SER B 191 -21.97 42.67 33.58
CA SER B 191 -20.80 41.94 34.12
C SER B 191 -20.20 42.63 35.35
N VAL B 192 -20.11 43.96 35.31
CA VAL B 192 -19.65 44.74 36.44
C VAL B 192 -20.63 44.76 37.63
N GLU B 193 -21.87 45.19 37.38
CA GLU B 193 -22.92 45.28 38.42
C GLU B 193 -23.27 43.90 39.01
N GLY B 194 -23.48 42.92 38.15
CA GLY B 194 -23.77 41.56 38.58
C GLY B 194 -22.59 40.76 39.13
N TYR B 195 -21.39 40.92 38.53
CA TYR B 195 -20.31 40.02 38.86
C TYR B 195 -19.06 40.72 39.42
N PHE B 196 -18.30 41.43 38.58
CA PHE B 196 -17.02 41.93 39.06
C PHE B 196 -17.12 42.70 40.36
N SER B 197 -18.17 43.52 40.53
CA SER B 197 -18.22 44.37 41.72
C SER B 197 -18.68 43.60 42.97
N LYS B 198 -19.03 42.33 42.79
CA LYS B 198 -19.58 41.49 43.85
C LYS B 198 -18.60 40.47 44.46
N GLN B 199 -17.31 40.55 44.15
CA GLN B 199 -16.33 39.83 44.97
C GLN B 199 -15.87 40.75 46.10
N SER C 2 2.74 -5.39 -11.12
CA SER C 2 3.28 -6.00 -9.85
C SER C 2 2.30 -5.82 -8.68
N CYS C 3 2.67 -6.39 -7.52
CA CYS C 3 1.82 -6.35 -6.31
C CYS C 3 2.30 -5.27 -5.31
N GLY C 4 1.69 -4.08 -5.33
CA GLY C 4 2.18 -2.91 -4.55
C GLY C 4 3.56 -2.51 -5.04
N ASN C 5 4.59 -2.62 -4.19
CA ASN C 5 5.98 -2.47 -4.67
C ASN C 5 6.75 -3.78 -4.74
N ALA C 6 6.08 -4.87 -4.36
CA ALA C 6 6.64 -6.18 -4.51
C ALA C 6 6.53 -6.61 -6.00
N LYS C 7 7.68 -6.65 -6.65
CA LYS C 7 7.78 -7.19 -7.98
CA LYS C 7 7.81 -7.17 -7.99
C LYS C 7 8.68 -8.41 -7.91
N ILE C 8 8.30 -9.46 -8.64
CA ILE C 8 9.11 -10.66 -8.75
C ILE C 8 10.44 -10.22 -9.39
N ASN C 9 11.54 -10.60 -8.76
CA ASN C 9 12.89 -10.31 -9.26
C ASN C 9 13.39 -8.90 -9.04
N SER C 10 12.64 -8.11 -8.26
CA SER C 10 13.15 -6.89 -7.63
C SER C 10 13.35 -7.19 -6.14
N PRO C 11 14.20 -6.41 -5.44
CA PRO C 11 14.31 -6.57 -3.99
C PRO C 11 12.94 -6.45 -3.35
N ALA C 12 12.73 -7.24 -2.31
CA ALA C 12 11.49 -7.24 -1.55
C ALA C 12 11.43 -5.92 -0.81
N PRO C 13 10.28 -5.22 -0.82
CA PRO C 13 10.27 -3.93 -0.08
C PRO C 13 10.80 -4.12 1.36
N SER C 14 11.72 -3.23 1.78
CA SER C 14 12.32 -3.39 3.08
C SER C 14 11.47 -2.73 4.16
N PHE C 15 11.81 -3.02 5.41
CA PHE C 15 11.05 -2.58 6.55
C PHE C 15 11.85 -2.84 7.81
N GLU C 16 11.57 -2.04 8.82
CA GLU C 16 12.04 -2.27 10.15
C GLU C 16 10.87 -1.97 11.04
N GLU C 17 10.42 -2.99 11.76
CA GLU C 17 9.19 -2.89 12.52
C GLU C 17 9.28 -3.67 13.83
N VAL C 18 8.54 -3.25 14.83
CA VAL C 18 8.50 -3.98 16.08
C VAL C 18 7.80 -5.35 15.92
N ALA C 19 8.36 -6.37 16.55
CA ALA C 19 7.77 -7.69 16.49
C ALA C 19 7.65 -8.30 17.89
N LEU C 20 6.63 -9.14 18.08
CA LEU C 20 6.58 -10.02 19.23
C LEU C 20 7.47 -11.23 18.90
N MET C 21 8.62 -11.30 19.57
CA MET C 21 9.51 -12.46 19.48
C MET C 21 8.89 -13.66 20.16
N PRO C 22 9.37 -14.87 19.83
CA PRO C 22 8.83 -16.08 20.45
C PRO C 22 8.99 -16.18 21.97
N ASN C 23 10.02 -15.55 22.54
CA ASN C 23 10.18 -15.51 24.00
C ASN C 23 9.28 -14.49 24.66
N GLY C 24 8.47 -13.80 23.88
CA GLY C 24 7.51 -12.88 24.48
C GLY C 24 7.94 -11.44 24.60
N SER C 25 9.19 -11.16 24.23
CA SER C 25 9.70 -9.81 24.25
C SER C 25 9.31 -9.06 22.96
N PHE C 26 9.52 -7.74 22.97
CA PHE C 26 9.35 -6.88 21.82
C PHE C 26 10.71 -6.57 21.21
N LYS C 27 10.80 -6.60 19.88
CA LYS C 27 12.07 -6.33 19.19
C LYS C 27 11.88 -5.86 17.75
N LYS C 28 12.62 -4.84 17.37
CA LYS C 28 12.64 -4.36 16.00
C LYS C 28 13.25 -5.40 15.08
N ILE C 29 12.55 -5.71 13.99
CA ILE C 29 13.06 -6.60 12.96
C ILE C 29 13.18 -5.87 11.61
N SER C 30 14.31 -6.11 10.93
CA SER C 30 14.51 -5.59 9.58
C SER C 30 14.52 -6.71 8.55
N LEU C 31 13.96 -6.47 7.37
CA LEU C 31 14.08 -7.44 6.31
C LEU C 31 15.55 -7.72 5.97
N SER C 32 16.36 -6.66 5.81
CA SER C 32 17.80 -6.80 5.54
C SER C 32 18.53 -7.73 6.51
N SER C 33 18.04 -7.90 7.75
CA SER C 33 18.70 -8.80 8.67
C SER C 33 18.49 -10.29 8.33
N TYR C 34 17.78 -10.57 7.22
CA TYR C 34 17.54 -11.94 6.76
C TYR C 34 18.46 -12.34 5.62
N LYS C 35 19.27 -11.40 5.15
CA LYS C 35 20.24 -11.69 4.11
C LYS C 35 21.01 -12.97 4.40
N GLY C 36 21.23 -13.77 3.39
CA GLY C 36 21.92 -15.02 3.58
C GLY C 36 20.95 -16.15 3.79
N LYS C 37 19.71 -15.82 4.18
CA LYS C 37 18.66 -16.82 4.31
C LYS C 37 17.44 -16.54 3.42
N TRP C 38 16.69 -17.61 3.17
CA TRP C 38 15.36 -17.55 2.65
C TRP C 38 14.45 -17.06 3.73
N VAL C 39 13.41 -16.34 3.31
CA VAL C 39 12.38 -15.89 4.24
C VAL C 39 11.03 -16.13 3.65
N VAL C 40 10.17 -16.73 4.47
CA VAL C 40 8.75 -16.74 4.16
C VAL C 40 8.06 -15.64 5.01
N LEU C 41 7.60 -14.58 4.35
CA LEU C 41 6.87 -13.52 5.05
C LEU C 41 5.41 -13.69 4.75
N PHE C 42 4.57 -13.81 5.76
CA PHE C 42 3.12 -13.89 5.51
C PHE C 42 2.24 -12.96 6.35
N PHE C 43 1.31 -12.30 5.67
CA PHE C 43 0.37 -11.39 6.35
C PHE C 43 -0.95 -12.11 6.65
N TYR C 44 -1.64 -11.62 7.68
CA TYR C 44 -2.96 -12.07 7.97
C TYR C 44 -3.78 -10.86 8.45
N PRO C 45 -5.11 -10.90 8.28
CA PRO C 45 -5.89 -9.67 8.57
C PRO C 45 -5.94 -9.22 10.03
N LEU C 46 -6.30 -10.10 10.97
CA LEU C 46 -6.63 -9.61 12.29
C LEU C 46 -6.36 -10.61 13.38
N ASP C 47 -5.70 -10.18 14.44
CA ASP C 47 -5.59 -11.05 15.62
C ASP C 47 -6.97 -11.35 16.16
N PHE C 48 -7.11 -12.45 16.89
CA PHE C 48 -8.34 -12.78 17.60
C PHE C 48 -9.49 -13.16 16.67
N THR C 49 -9.18 -13.45 15.39
CA THR C 49 -10.20 -13.94 14.47
C THR C 49 -10.07 -15.48 14.16
N PHE C 50 -10.33 -15.89 12.90
CA PHE C 50 -10.81 -17.24 12.61
C PHE C 50 -9.85 -18.15 11.83
N VAL C 51 -9.60 -17.84 10.55
CA VAL C 51 -8.55 -18.52 9.81
C VAL C 51 -7.15 -18.12 10.35
N CYS C 52 -7.01 -16.84 10.66
CA CYS C 52 -5.73 -16.26 11.05
C CYS C 52 -4.92 -17.10 12.03
N PRO C 53 -5.52 -17.51 13.18
CA PRO C 53 -4.71 -18.26 14.13
C PRO C 53 -4.38 -19.64 13.60
N THR C 54 -5.31 -20.28 12.87
CA THR C 54 -5.00 -21.58 12.28
C THR C 54 -3.75 -21.46 11.41
N GLU C 55 -3.63 -20.36 10.68
CA GLU C 55 -2.43 -20.18 9.84
C GLU C 55 -1.15 -19.88 10.61
N VAL C 56 -1.28 -19.05 11.64
CA VAL C 56 -0.10 -18.65 12.40
C VAL C 56 0.45 -19.86 13.17
N ILE C 57 -0.46 -20.66 13.73
CA ILE C 57 -0.11 -21.85 14.44
C ILE C 57 0.50 -22.85 13.47
N ALA C 58 -0.12 -23.01 12.30
CA ALA C 58 0.34 -23.99 11.30
C ALA C 58 1.79 -23.77 10.88
N PHE C 59 2.16 -22.53 10.58
CA PHE C 59 3.55 -22.23 10.22
C PHE C 59 4.48 -22.23 11.45
N SER C 60 4.00 -21.78 12.59
CA SER C 60 4.84 -21.87 13.81
C SER C 60 5.16 -23.34 14.15
N ASP C 61 4.13 -24.17 14.11
CA ASP C 61 4.32 -25.57 14.42
C ASP C 61 5.24 -26.27 13.43
N SER C 62 5.40 -25.72 12.22
CA SER C 62 6.26 -26.36 11.21
C SER C 62 7.57 -25.65 10.96
N VAL C 63 7.87 -24.66 11.77
CA VAL C 63 9.04 -23.83 11.53
C VAL C 63 10.37 -24.59 11.44
N SER C 64 10.55 -25.66 12.21
CA SER C 64 11.75 -26.50 12.12
C SER C 64 11.93 -27.03 10.70
N ARG C 65 10.83 -27.29 10.02
CA ARG C 65 10.89 -27.72 8.61
C ARG C 65 11.39 -26.65 7.66
N PHE C 66 11.02 -25.39 7.90
CA PHE C 66 11.56 -24.26 7.15
C PHE C 66 13.03 -24.02 7.49
N ASN C 67 13.36 -24.07 8.79
CA ASN C 67 14.70 -23.76 9.25
C ASN C 67 15.76 -24.78 8.80
N GLU C 68 15.39 -26.06 8.66
CA GLU C 68 16.23 -27.11 8.03
C GLU C 68 16.63 -26.74 6.59
N LEU C 69 15.78 -25.98 5.89
CA LEU C 69 16.10 -25.55 4.52
C LEU C 69 16.64 -24.11 4.46
N ASN C 70 17.19 -23.65 5.57
CA ASN C 70 17.76 -22.31 5.65
C ASN C 70 16.73 -21.22 5.39
N CYS C 71 15.50 -21.45 5.84
CA CYS C 71 14.44 -20.50 5.65
C CYS C 71 13.82 -20.07 7.00
N GLU C 72 13.65 -18.75 7.13
CA GLU C 72 12.97 -18.19 8.29
C GLU C 72 11.51 -17.90 7.99
N VAL C 73 10.69 -18.05 9.02
CA VAL C 73 9.30 -17.65 8.94
C VAL C 73 9.01 -16.39 9.79
N LEU C 74 8.25 -15.46 9.20
CA LEU C 74 7.87 -14.21 9.83
C LEU C 74 6.39 -13.94 9.53
N ALA C 75 5.56 -13.82 10.58
CA ALA C 75 4.17 -13.44 10.38
C ALA C 75 4.04 -11.91 10.54
N CYS C 76 2.89 -11.36 10.13
CA CYS C 76 2.65 -9.91 10.20
C CYS C 76 1.16 -9.63 10.17
N SER C 77 0.71 -8.66 10.96
CA SER C 77 -0.62 -8.11 10.77
C SER C 77 -0.57 -6.68 11.25
N ILE C 78 -1.70 -5.97 11.03
CA ILE C 78 -1.81 -4.57 11.39
C ILE C 78 -2.04 -4.35 12.89
N ASP C 79 -2.21 -5.43 13.65
CA ASP C 79 -2.41 -5.34 15.12
C ASP C 79 -1.12 -4.98 15.87
N SER C 80 -1.27 -4.36 17.03
CA SER C 80 -0.14 -3.98 17.86
C SER C 80 0.59 -5.20 18.45
N GLU C 81 1.83 -4.96 18.86
CA GLU C 81 2.63 -5.89 19.64
C GLU C 81 1.97 -6.29 20.97
N TYR C 82 1.11 -5.46 21.54
CA TYR C 82 0.42 -5.78 22.78
C TYR C 82 -0.73 -6.74 22.53
N ALA C 83 -1.41 -6.58 21.39
CA ALA C 83 -2.44 -7.50 20.95
C ALA C 83 -1.82 -8.89 20.66
N HIS C 84 -0.72 -8.91 19.90
CA HIS C 84 0.00 -10.15 19.62
C HIS C 84 0.31 -10.88 20.92
N LEU C 85 0.99 -10.17 21.83
CA LEU C 85 1.33 -10.75 23.13
C LEU C 85 0.14 -11.43 23.76
N GLN C 86 -1.00 -10.74 23.85
CA GLN C 86 -2.20 -11.27 24.48
C GLN C 86 -2.79 -12.47 23.77
N TRP C 87 -2.72 -12.44 22.43
CA TRP C 87 -3.11 -13.59 21.64
C TRP C 87 -2.23 -14.81 21.95
N THR C 88 -0.94 -14.62 22.21
CA THR C 88 -0.06 -15.76 22.54
C THR C 88 -0.27 -16.24 23.97
N LEU C 89 -0.78 -15.39 24.84
CA LEU C 89 -1.14 -15.81 26.19
C LEU C 89 -2.52 -16.50 26.21
N GLN C 90 -3.22 -16.54 25.09
CA GLN C 90 -4.57 -17.10 25.06
C GLN C 90 -4.46 -18.54 24.55
N ASP C 91 -5.17 -19.46 25.21
CA ASP C 91 -5.10 -20.89 24.89
C ASP C 91 -5.67 -21.17 23.49
N ARG C 92 -5.00 -22.08 22.78
CA ARG C 92 -5.39 -22.43 21.42
C ARG C 92 -6.82 -22.94 21.33
N LYS C 93 -7.32 -23.54 22.41
CA LYS C 93 -8.66 -24.13 22.43
C LYS C 93 -9.71 -23.06 22.64
N LYS C 94 -9.27 -21.84 23.01
CA LYS C 94 -10.15 -20.67 23.10
C LYS C 94 -9.93 -19.71 21.92
N GLY C 95 -9.29 -20.23 20.88
CA GLY C 95 -9.03 -19.41 19.69
C GLY C 95 -7.70 -18.68 19.72
N GLY C 96 -6.91 -18.90 20.76
CA GLY C 96 -5.62 -18.21 20.93
C GLY C 96 -4.48 -18.80 20.11
N LEU C 97 -3.30 -18.20 20.24
CA LEU C 97 -2.10 -18.67 19.60
C LEU C 97 -1.33 -19.64 20.47
N GLY C 98 -1.34 -19.39 21.78
CA GLY C 98 -0.37 -20.03 22.67
C GLY C 98 1.01 -19.55 22.29
N THR C 99 2.02 -20.16 22.90
CA THR C 99 3.43 -19.80 22.66
C THR C 99 3.80 -20.03 21.22
N MET C 100 4.51 -19.06 20.64
CA MET C 100 4.88 -19.13 19.23
C MET C 100 6.34 -19.37 19.05
N ALA C 101 6.69 -19.90 17.89
CA ALA C 101 8.08 -20.23 17.58
C ALA C 101 8.61 -19.37 16.42
N ILE C 102 7.85 -18.33 16.09
CA ILE C 102 8.17 -17.40 15.02
C ILE C 102 7.84 -15.97 15.48
N PRO C 103 8.53 -14.95 14.93
CA PRO C 103 8.14 -13.58 15.27
C PRO C 103 6.84 -13.16 14.60
N ILE C 104 6.15 -12.17 15.18
CA ILE C 104 4.98 -11.57 14.57
C ILE C 104 5.16 -10.07 14.56
N LEU C 105 5.31 -9.49 13.36
CA LEU C 105 5.45 -8.05 13.22
C LEU C 105 4.16 -7.36 13.63
N ALA C 106 4.29 -6.12 14.12
CA ALA C 106 3.15 -5.24 14.39
C ALA C 106 3.23 -4.11 13.42
N ASP C 107 2.48 -4.24 12.34
CA ASP C 107 2.51 -3.29 11.20
C ASP C 107 1.54 -2.15 11.52
N LYS C 108 1.75 -1.43 12.64
CA LYS C 108 0.71 -0.51 13.10
C LYS C 108 0.38 0.59 12.08
N THR C 109 1.40 1.16 11.44
CA THR C 109 1.17 2.12 10.37
C THR C 109 0.54 1.51 9.09
N LYS C 110 0.45 0.18 9.01
CA LYS C 110 -0.05 -0.53 7.80
C LYS C 110 0.84 -0.36 6.58
N ASN C 111 1.94 0.39 6.69
CA ASN C 111 2.79 0.58 5.52
C ASN C 111 3.59 -0.64 5.08
N ILE C 112 3.75 -1.66 5.92
CA ILE C 112 4.41 -2.87 5.39
C ILE C 112 3.45 -3.53 4.42
N ALA C 113 2.20 -3.68 4.85
CA ALA C 113 1.13 -4.27 4.04
C ALA C 113 0.83 -3.51 2.76
N ARG C 114 0.86 -2.17 2.78
CA ARG C 114 0.78 -1.36 1.57
C ARG C 114 1.95 -1.61 0.62
N SER C 115 3.17 -1.62 1.13
CA SER C 115 4.34 -1.79 0.25
C SER C 115 4.32 -3.16 -0.41
N TYR C 116 3.70 -4.13 0.24
CA TYR C 116 3.53 -5.47 -0.36
C TYR C 116 2.25 -5.58 -1.20
N GLY C 117 1.44 -4.52 -1.16
CA GLY C 117 0.25 -4.44 -1.98
C GLY C 117 -0.89 -5.37 -1.67
N VAL C 118 -0.97 -5.82 -0.42
CA VAL C 118 -2.01 -6.71 0.06
C VAL C 118 -2.92 -6.07 1.12
N LEU C 119 -2.97 -4.74 1.21
CA LEU C 119 -3.88 -4.06 2.17
C LEU C 119 -5.25 -3.79 1.57
N GLU C 120 -6.28 -4.10 2.35
CA GLU C 120 -7.66 -3.87 1.97
C GLU C 120 -8.06 -2.52 2.54
N GLU C 121 -7.85 -1.42 1.79
CA GLU C 121 -7.94 -0.05 2.32
C GLU C 121 -9.30 0.31 2.94
N SER C 122 -10.40 -0.26 2.43
CA SER C 122 -11.70 0.01 3.02
C SER C 122 -11.86 -0.49 4.48
N GLN C 123 -11.13 -1.53 4.83
CA GLN C 123 -11.25 -2.11 6.17
C GLN C 123 -10.01 -1.95 7.05
N GLY C 124 -8.88 -1.57 6.44
CA GLY C 124 -7.65 -1.36 7.18
C GLY C 124 -6.80 -2.59 7.49
N VAL C 125 -7.06 -3.72 6.82
CA VAL C 125 -6.44 -4.99 7.17
C VAL C 125 -5.75 -5.69 5.98
N ALA C 126 -4.77 -6.54 6.27
CA ALA C 126 -4.03 -7.17 5.20
C ALA C 126 -4.80 -8.37 4.73
N TYR C 127 -4.92 -8.52 3.42
CA TYR C 127 -5.28 -9.78 2.79
C TYR C 127 -4.27 -10.88 3.13
N ARG C 128 -4.60 -12.13 2.82
CA ARG C 128 -3.70 -13.25 3.10
C ARG C 128 -2.53 -13.38 2.13
N GLY C 129 -1.64 -12.38 2.12
CA GLY C 129 -0.50 -12.41 1.20
C GLY C 129 0.68 -13.15 1.82
N LEU C 130 1.35 -14.01 1.07
CA LEU C 130 2.52 -14.71 1.55
C LEU C 130 3.61 -14.48 0.50
N PHE C 131 4.84 -14.25 0.94
CA PHE C 131 5.87 -13.85 0.00
C PHE C 131 7.11 -14.68 0.27
N ILE C 132 7.66 -15.32 -0.75
CA ILE C 132 8.90 -16.06 -0.56
C ILE C 132 10.06 -15.21 -1.03
N ILE C 133 11.00 -14.97 -0.12
CA ILE C 133 12.16 -14.08 -0.38
C ILE C 133 13.46 -14.87 -0.26
N ASP C 134 14.34 -14.72 -1.24
CA ASP C 134 15.60 -15.46 -1.23
C ASP C 134 16.74 -14.77 -0.46
N PRO C 135 17.89 -15.45 -0.31
CA PRO C 135 19.05 -14.96 0.48
C PRO C 135 19.69 -13.68 -0.01
N HIS C 136 19.34 -13.25 -1.24
CA HIS C 136 19.77 -11.97 -1.77
C HIS C 136 18.70 -10.91 -1.55
N GLY C 137 17.59 -11.29 -0.95
CA GLY C 137 16.54 -10.31 -0.63
C GLY C 137 15.63 -10.07 -1.81
N MET C 138 15.70 -10.93 -2.82
CA MET C 138 14.87 -10.77 -4.01
C MET C 138 13.56 -11.53 -3.83
N LEU C 139 12.44 -10.91 -4.21
CA LEU C 139 11.14 -11.56 -4.11
C LEU C 139 11.04 -12.60 -5.20
N ARG C 140 10.65 -13.82 -4.85
CA ARG C 140 10.59 -14.95 -5.82
C ARG C 140 9.18 -15.54 -6.07
N GLN C 141 8.28 -15.36 -5.11
CA GLN C 141 6.92 -15.90 -5.20
C GLN C 141 5.90 -15.04 -4.44
N ILE C 142 4.68 -15.01 -4.96
CA ILE C 142 3.59 -14.25 -4.39
C ILE C 142 2.36 -15.17 -4.28
N THR C 143 1.91 -15.42 -3.05
CA THR C 143 0.59 -15.99 -2.83
C THR C 143 -0.33 -14.97 -2.12
N VAL C 144 -1.54 -14.72 -2.67
CA VAL C 144 -2.53 -13.84 -2.03
C VAL C 144 -3.95 -14.44 -1.99
N ASN C 145 -4.41 -14.83 -0.77
CA ASN C 145 -5.78 -15.30 -0.58
C ASN C 145 -6.79 -14.28 -0.06
N ASP C 146 -8.04 -14.41 -0.51
CA ASP C 146 -9.15 -13.71 0.11
C ASP C 146 -9.25 -14.13 1.58
N MET C 147 -9.88 -13.27 2.39
CA MET C 147 -10.07 -13.52 3.83
C MET C 147 -10.50 -14.91 4.26
N PRO C 148 -11.51 -15.51 3.59
CA PRO C 148 -12.05 -16.68 4.25
C PRO C 148 -11.41 -18.01 3.81
N VAL C 149 -10.27 -17.98 3.14
CA VAL C 149 -9.65 -19.23 2.68
C VAL C 149 -8.14 -19.31 3.02
N GLY C 150 -7.80 -20.28 3.86
CA GLY C 150 -6.43 -20.34 4.41
C GLY C 150 -5.43 -20.81 3.39
N ARG C 151 -4.16 -20.70 3.73
CA ARG C 151 -3.07 -21.03 2.83
C ARG C 151 -2.65 -22.49 3.07
N SER C 152 -1.58 -22.92 2.43
CA SER C 152 -1.12 -24.29 2.56
C SER C 152 0.37 -24.36 2.85
N VAL C 153 0.70 -24.80 4.06
CA VAL C 153 2.08 -24.92 4.49
C VAL C 153 2.85 -25.88 3.57
N GLU C 154 2.20 -26.95 3.11
CA GLU C 154 2.90 -27.95 2.28
C GLU C 154 3.23 -27.41 0.87
N GLU C 155 2.35 -26.57 0.33
CA GLU C 155 2.65 -25.91 -0.96
C GLU C 155 3.79 -24.92 -0.78
N VAL C 156 3.82 -24.22 0.36
CA VAL C 156 4.94 -23.27 0.59
C VAL C 156 6.27 -24.01 0.72
N LEU C 157 6.27 -25.20 1.31
CA LEU C 157 7.48 -26.03 1.34
C LEU C 157 7.90 -26.53 -0.02
N ARG C 158 6.92 -26.95 -0.82
CA ARG C 158 7.15 -27.41 -2.20
C ARG C 158 7.84 -26.32 -3.03
N LEU C 159 7.30 -25.11 -3.00
CA LEU C 159 7.84 -23.99 -3.77
C LEU C 159 9.24 -23.64 -3.29
N LEU C 160 9.42 -23.65 -1.97
CA LEU C 160 10.71 -23.41 -1.34
C LEU C 160 11.79 -24.36 -1.88
N GLU C 161 11.52 -25.67 -1.83
CA GLU C 161 12.41 -26.69 -2.39
C GLU C 161 12.61 -26.56 -3.89
N ALA C 162 11.57 -26.25 -4.63
CA ALA C 162 11.73 -26.01 -6.05
C ALA C 162 12.71 -24.86 -6.30
N PHE C 163 12.50 -23.72 -5.62
CA PHE C 163 13.46 -22.59 -5.76
C PHE C 163 14.89 -22.90 -5.35
N GLN C 164 15.07 -23.65 -4.27
CA GLN C 164 16.42 -24.04 -3.85
C GLN C 164 17.06 -25.00 -4.87
N PHE C 165 16.26 -25.91 -5.42
CA PHE C 165 16.73 -26.83 -6.49
C PHE C 165 17.16 -26.07 -7.74
N VAL C 166 16.32 -25.14 -8.19
CA VAL C 166 16.64 -24.24 -9.30
C VAL C 166 18.01 -23.53 -9.11
N GLU C 167 18.25 -22.98 -7.93
CA GLU C 167 19.50 -22.28 -7.63
C GLU C 167 20.70 -23.23 -7.51
N LYS C 168 20.48 -24.49 -7.18
CA LYS C 168 21.60 -25.42 -7.04
C LYS C 168 22.07 -25.96 -8.39
N HIS C 169 21.11 -26.31 -9.24
CA HIS C 169 21.42 -27.16 -10.38
C HIS C 169 21.34 -26.41 -11.70
N GLY C 170 20.84 -25.18 -11.64
CA GLY C 170 20.68 -24.39 -12.86
C GLY C 170 19.63 -25.02 -13.76
N GLU C 171 18.75 -25.80 -13.15
CA GLU C 171 17.61 -26.40 -13.82
C GLU C 171 16.32 -25.66 -13.49
N VAL C 172 15.24 -26.02 -14.19
CA VAL C 172 13.92 -25.48 -13.89
C VAL C 172 12.98 -26.57 -13.37
N CYS C 173 11.92 -26.17 -12.67
CA CYS C 173 11.00 -27.13 -12.09
C CYS C 173 9.65 -27.13 -12.74
N PRO C 174 9.32 -28.25 -13.39
CA PRO C 174 8.04 -28.48 -14.07
C PRO C 174 6.81 -28.28 -13.19
N ALA C 175 5.66 -28.10 -13.82
CA ALA C 175 4.39 -28.14 -13.12
C ALA C 175 4.38 -29.27 -12.10
N ASN C 176 3.87 -28.98 -10.90
CA ASN C 176 3.64 -29.99 -9.86
C ASN C 176 4.91 -30.66 -9.32
N TRP C 177 6.07 -30.09 -9.59
CA TRP C 177 7.33 -30.67 -9.15
C TRP C 177 7.37 -30.89 -7.64
N LYS C 178 7.91 -32.01 -7.19
CA LYS C 178 8.24 -32.17 -5.77
C LYS C 178 9.68 -32.69 -5.57
N LYS C 179 10.16 -32.68 -4.32
CA LYS C 179 11.50 -33.16 -4.00
CA LYS C 179 11.48 -33.18 -3.96
C LYS C 179 11.70 -34.58 -4.54
N GLY C 180 12.85 -34.77 -5.19
CA GLY C 180 13.17 -36.03 -5.85
C GLY C 180 12.70 -36.16 -7.30
N ASP C 181 11.85 -35.25 -7.75
CA ASP C 181 11.50 -35.20 -9.19
C ASP C 181 12.71 -34.69 -9.98
N PRO C 182 12.84 -35.11 -11.25
CA PRO C 182 13.88 -34.49 -12.06
C PRO C 182 13.46 -33.09 -12.53
N GLY C 183 14.44 -32.20 -12.66
CA GLY C 183 14.28 -30.90 -13.28
C GLY C 183 14.61 -31.01 -14.75
N MET C 184 14.55 -29.87 -15.44
CA MET C 184 14.81 -29.77 -16.87
C MET C 184 15.88 -28.69 -17.10
N LYS C 185 16.86 -28.93 -17.97
CA LYS C 185 17.78 -27.85 -18.39
C LYS C 185 17.03 -26.92 -19.37
N PRO C 186 16.99 -25.61 -19.10
CA PRO C 186 16.24 -24.67 -19.91
C PRO C 186 16.94 -24.30 -21.23
N GLU C 187 17.27 -25.31 -22.02
CA GLU C 187 17.91 -25.16 -23.32
C GLU C 187 17.12 -26.00 -24.31
N PRO C 188 17.02 -25.55 -25.57
CA PRO C 188 16.14 -26.23 -26.52
C PRO C 188 16.43 -27.72 -26.65
N ASN C 189 17.65 -28.09 -27.07
CA ASN C 189 17.99 -29.52 -27.30
C ASN C 189 18.05 -30.32 -25.99
N ALA C 190 18.75 -29.75 -25.01
CA ALA C 190 18.92 -30.39 -23.70
C ALA C 190 17.59 -30.69 -23.00
N SER C 191 16.63 -29.77 -23.04
CA SER C 191 15.31 -30.03 -22.48
C SER C 191 14.66 -31.21 -23.17
N VAL C 192 14.77 -31.27 -24.50
CA VAL C 192 14.19 -32.37 -25.24
C VAL C 192 14.89 -33.68 -24.87
N GLU C 193 16.23 -33.69 -24.99
CA GLU C 193 17.04 -34.90 -24.79
C GLU C 193 16.94 -35.38 -23.37
N GLY C 194 16.92 -34.43 -22.43
CA GLY C 194 16.90 -34.73 -20.99
C GLY C 194 15.55 -34.89 -20.33
N TYR C 195 14.46 -34.44 -20.94
CA TYR C 195 13.17 -34.42 -20.25
C TYR C 195 11.97 -34.78 -21.13
N PHE C 196 11.71 -33.99 -22.17
CA PHE C 196 10.51 -34.17 -22.97
C PHE C 196 10.45 -35.57 -23.64
N SER C 197 11.58 -36.03 -24.18
CA SER C 197 11.69 -37.40 -24.73
C SER C 197 11.60 -38.52 -23.68
N LYS C 198 12.09 -38.26 -22.46
CA LYS C 198 12.04 -39.25 -21.39
C LYS C 198 10.64 -39.42 -20.80
N GLN C 199 9.64 -38.85 -21.47
CA GLN C 199 8.24 -38.93 -21.06
C GLN C 199 7.48 -39.80 -22.05
N CYS D 3 -2.22 -5.84 -7.31
CA CYS D 3 -1.41 -6.55 -8.34
C CYS D 3 -1.82 -6.07 -9.73
N GLY D 4 -1.17 -5.01 -10.21
CA GLY D 4 -1.59 -4.30 -11.43
C GLY D 4 -2.92 -3.65 -11.11
N ASN D 5 -3.92 -3.88 -11.95
CA ASN D 5 -5.32 -3.48 -11.65
C ASN D 5 -6.14 -4.60 -11.00
N ALA D 6 -5.48 -5.73 -10.76
CA ALA D 6 -6.10 -6.89 -10.22
C ALA D 6 -6.01 -6.84 -8.70
N LYS D 7 -7.18 -6.65 -8.09
CA LYS D 7 -7.32 -6.53 -6.64
CA LYS D 7 -7.35 -6.52 -6.64
C LYS D 7 -8.34 -7.55 -6.15
N ILE D 8 -8.03 -8.22 -5.06
CA ILE D 8 -8.95 -9.19 -4.47
C ILE D 8 -10.24 -8.44 -4.11
N ASN D 9 -11.36 -9.08 -4.43
CA ASN D 9 -12.70 -8.58 -4.17
C ASN D 9 -13.07 -7.40 -5.03
N SER D 10 -12.32 -7.21 -6.12
CA SER D 10 -12.65 -6.27 -7.17
C SER D 10 -12.93 -7.04 -8.46
N PRO D 11 -13.67 -6.43 -9.40
CA PRO D 11 -13.86 -7.14 -10.66
C PRO D 11 -12.50 -7.46 -11.27
N ALA D 12 -12.28 -8.71 -11.68
CA ALA D 12 -11.07 -9.06 -12.44
C ALA D 12 -11.02 -8.22 -13.72
N PRO D 13 -9.84 -7.67 -14.05
CA PRO D 13 -9.74 -6.83 -15.24
C PRO D 13 -10.34 -7.54 -16.46
N SER D 14 -11.34 -6.91 -17.06
CA SER D 14 -11.97 -7.46 -18.26
C SER D 14 -11.03 -7.42 -19.47
N PHE D 15 -11.30 -8.29 -20.42
CA PHE D 15 -10.55 -8.33 -21.65
C PHE D 15 -11.39 -9.01 -22.72
N GLU D 16 -11.09 -8.71 -23.97
CA GLU D 16 -11.63 -9.48 -25.08
C GLU D 16 -10.50 -9.65 -26.08
N GLU D 17 -10.15 -10.91 -26.36
CA GLU D 17 -8.96 -11.17 -27.15
C GLU D 17 -9.04 -12.49 -27.90
N VAL D 18 -8.31 -12.58 -28.99
CA VAL D 18 -8.29 -13.80 -29.78
C VAL D 18 -7.56 -14.91 -29.03
N ALA D 19 -8.15 -16.10 -29.10
CA ALA D 19 -7.64 -17.23 -28.39
C ALA D 19 -7.56 -18.41 -29.34
N LEU D 20 -6.56 -19.26 -29.17
CA LEU D 20 -6.56 -20.57 -29.84
C LEU D 20 -7.51 -21.49 -29.09
N MET D 21 -8.54 -21.98 -29.75
CA MET D 21 -9.54 -22.87 -29.14
C MET D 21 -9.15 -24.35 -29.22
N PRO D 22 -9.74 -25.23 -28.36
CA PRO D 22 -9.52 -26.68 -28.35
C PRO D 22 -9.55 -27.33 -29.71
N ASN D 23 -10.53 -26.94 -30.52
CA ASN D 23 -10.67 -27.49 -31.89
C ASN D 23 -9.63 -27.03 -32.92
N GLY D 24 -8.80 -26.05 -32.56
CA GLY D 24 -7.76 -25.57 -33.46
C GLY D 24 -8.10 -24.28 -34.17
N SER D 25 -9.26 -23.72 -33.86
CA SER D 25 -9.71 -22.52 -34.52
C SER D 25 -9.36 -21.28 -33.69
N PHE D 26 -9.48 -20.12 -34.34
CA PHE D 26 -9.32 -18.81 -33.68
C PHE D 26 -10.66 -18.20 -33.30
N LYS D 27 -10.76 -17.71 -32.08
CA LYS D 27 -12.01 -17.09 -31.65
C LYS D 27 -11.74 -16.02 -30.57
N LYS D 28 -12.38 -14.86 -30.68
CA LYS D 28 -12.34 -13.84 -29.63
C LYS D 28 -13.04 -14.37 -28.40
N ILE D 29 -12.35 -14.38 -27.26
CA ILE D 29 -12.96 -14.74 -25.96
C ILE D 29 -12.97 -13.51 -25.07
N SER D 30 -14.09 -13.27 -24.39
CA SER D 30 -14.08 -12.20 -23.39
C SER D 30 -14.22 -12.81 -21.99
N LEU D 31 -13.77 -12.10 -20.96
CA LEU D 31 -13.91 -12.59 -19.61
C LEU D 31 -15.39 -12.58 -19.17
N SER D 32 -16.10 -11.51 -19.45
CA SER D 32 -17.54 -11.41 -19.12
C SER D 32 -18.34 -12.60 -19.60
N SER D 33 -17.94 -13.20 -20.71
CA SER D 33 -18.70 -14.33 -21.22
C SER D 33 -18.68 -15.54 -20.27
N TYR D 34 -17.90 -15.44 -19.18
CA TYR D 34 -17.83 -16.52 -18.18
C TYR D 34 -18.61 -16.24 -16.92
N LYS D 35 -19.26 -15.09 -16.82
CA LYS D 35 -20.15 -14.82 -15.68
C LYS D 35 -21.06 -16.05 -15.43
N GLY D 36 -21.30 -16.41 -14.17
CA GLY D 36 -21.95 -17.69 -13.86
C GLY D 36 -21.02 -18.87 -13.57
N LYS D 37 -19.76 -18.82 -14.01
CA LYS D 37 -18.80 -19.91 -13.72
C LYS D 37 -17.54 -19.37 -13.03
N TRP D 38 -16.82 -20.25 -12.32
CA TRP D 38 -15.48 -19.90 -11.91
C TRP D 38 -14.53 -19.94 -13.11
N VAL D 39 -13.39 -19.27 -13.00
CA VAL D 39 -12.39 -19.20 -14.06
C VAL D 39 -11.01 -19.16 -13.42
N VAL D 40 -10.13 -20.00 -13.95
CA VAL D 40 -8.76 -20.03 -13.57
C VAL D 40 -8.00 -19.47 -14.78
N LEU D 41 -7.49 -18.26 -14.62
CA LEU D 41 -6.74 -17.64 -15.67
C LEU D 41 -5.27 -17.75 -15.31
N PHE D 42 -4.49 -18.46 -16.14
CA PHE D 42 -3.05 -18.52 -15.89
C PHE D 42 -2.22 -18.01 -17.05
N PHE D 43 -1.23 -17.16 -16.72
CA PHE D 43 -0.31 -16.64 -17.71
C PHE D 43 0.91 -17.49 -17.64
N TYR D 44 1.64 -17.59 -18.74
CA TYR D 44 2.96 -18.18 -18.72
C TYR D 44 3.82 -17.35 -19.68
N PRO D 45 5.16 -17.40 -19.55
CA PRO D 45 5.96 -16.44 -20.34
C PRO D 45 6.06 -16.64 -21.83
N LEU D 46 6.45 -17.84 -22.29
CA LEU D 46 6.78 -18.02 -23.69
C LEU D 46 6.45 -19.41 -24.23
N ASP D 47 5.76 -19.42 -25.38
CA ASP D 47 5.55 -20.61 -26.14
C ASP D 47 6.93 -21.16 -26.51
N PHE D 48 7.06 -22.48 -26.61
CA PHE D 48 8.30 -23.15 -27.07
C PHE D 48 9.41 -23.18 -26.06
N THR D 49 9.08 -23.12 -24.77
CA THR D 49 10.10 -23.04 -23.73
C THR D 49 9.96 -24.21 -22.74
N PHE D 50 10.11 -23.98 -21.45
CA PHE D 50 10.54 -25.12 -20.60
C PHE D 50 9.57 -25.55 -19.54
N VAL D 51 9.32 -24.67 -18.58
CA VAL D 51 8.29 -24.92 -17.62
C VAL D 51 6.93 -24.72 -18.31
N CYS D 52 6.87 -23.78 -19.25
CA CYS D 52 5.59 -23.40 -19.86
C CYS D 52 4.76 -24.58 -20.40
N PRO D 53 5.37 -25.47 -21.21
CA PRO D 53 4.64 -26.66 -21.71
C PRO D 53 4.09 -27.54 -20.58
N THR D 54 4.91 -27.81 -19.57
CA THR D 54 4.47 -28.68 -18.48
C THR D 54 3.17 -28.17 -17.84
N GLU D 55 3.09 -26.85 -17.63
CA GLU D 55 1.97 -26.24 -16.97
C GLU D 55 0.76 -26.26 -17.84
N VAL D 56 0.89 -25.81 -19.09
CA VAL D 56 -0.23 -25.80 -20.00
C VAL D 56 -0.81 -27.21 -20.19
N ILE D 57 0.06 -28.19 -20.47
CA ILE D 57 -0.35 -29.59 -20.56
C ILE D 57 -1.03 -30.06 -19.26
N ALA D 58 -0.44 -29.76 -18.11
CA ALA D 58 -1.02 -30.21 -16.85
C ALA D 58 -2.44 -29.68 -16.71
N PHE D 59 -2.63 -28.35 -16.86
CA PHE D 59 -3.98 -27.79 -16.78
C PHE D 59 -4.97 -28.38 -17.82
N SER D 60 -4.52 -28.59 -19.04
CA SER D 60 -5.39 -29.05 -20.12
C SER D 60 -5.83 -30.51 -19.83
N ASP D 61 -4.87 -31.33 -19.43
CA ASP D 61 -5.11 -32.71 -19.09
C ASP D 61 -6.10 -32.85 -17.90
N SER D 62 -6.02 -31.91 -16.96
CA SER D 62 -6.88 -31.95 -15.76
C SER D 62 -8.07 -31.03 -15.87
N VAL D 63 -8.34 -30.49 -17.05
CA VAL D 63 -9.45 -29.56 -17.17
C VAL D 63 -10.80 -30.10 -16.66
N SER D 64 -11.02 -31.42 -16.75
CA SER D 64 -12.33 -31.98 -16.34
C SER D 64 -12.54 -31.79 -14.85
N ARG D 65 -11.47 -31.95 -14.10
CA ARG D 65 -11.50 -31.67 -12.67
C ARG D 65 -12.01 -30.28 -12.33
N PHE D 66 -11.65 -29.27 -13.14
CA PHE D 66 -12.16 -27.92 -13.01
C PHE D 66 -13.59 -27.79 -13.51
N ASN D 67 -13.86 -28.35 -14.69
CA ASN D 67 -15.20 -28.28 -15.26
C ASN D 67 -16.29 -28.93 -14.41
N GLU D 68 -15.94 -29.95 -13.64
CA GLU D 68 -16.92 -30.63 -12.78
C GLU D 68 -17.35 -29.68 -11.69
N LEU D 69 -16.50 -28.70 -11.40
CA LEU D 69 -16.70 -27.75 -10.32
C LEU D 69 -17.20 -26.38 -10.80
N ASN D 70 -17.89 -26.34 -11.95
CA ASN D 70 -18.40 -25.10 -12.54
C ASN D 70 -17.25 -24.09 -12.80
N CYS D 71 -16.13 -24.61 -13.26
CA CYS D 71 -14.97 -23.78 -13.45
C CYS D 71 -14.30 -24.02 -14.79
N GLU D 72 -14.09 -22.94 -15.53
CA GLU D 72 -13.43 -22.99 -16.82
C GLU D 72 -11.97 -22.65 -16.62
N VAL D 73 -11.14 -23.06 -17.58
CA VAL D 73 -9.70 -22.84 -17.55
C VAL D 73 -9.25 -22.12 -18.82
N LEU D 74 -8.44 -21.08 -18.64
CA LEU D 74 -7.91 -20.23 -19.73
C LEU D 74 -6.43 -19.99 -19.52
N ALA D 75 -5.62 -20.23 -20.54
CA ALA D 75 -4.21 -19.92 -20.53
C ALA D 75 -3.98 -18.64 -21.31
N CYS D 76 -2.84 -18.01 -21.07
CA CYS D 76 -2.54 -16.81 -21.78
C CYS D 76 -1.02 -16.59 -21.81
N SER D 77 -0.53 -16.15 -22.98
CA SER D 77 0.85 -15.69 -23.09
C SER D 77 0.91 -14.56 -24.09
N ILE D 78 2.03 -13.86 -24.18
CA ILE D 78 2.13 -12.79 -25.15
C ILE D 78 2.32 -13.24 -26.62
N ASP D 79 2.51 -14.54 -26.85
CA ASP D 79 2.71 -15.11 -28.19
C ASP D 79 1.43 -15.07 -29.05
N SER D 80 1.58 -15.04 -30.37
CA SER D 80 0.44 -15.02 -31.29
C SER D 80 -0.36 -16.33 -31.32
N GLU D 81 -1.54 -16.29 -31.96
CA GLU D 81 -2.44 -17.46 -32.03
C GLU D 81 -1.86 -18.51 -32.97
N TYR D 82 -1.11 -18.02 -33.96
CA TYR D 82 -0.33 -18.82 -34.89
C TYR D 82 0.83 -19.49 -34.19
N ALA D 83 1.50 -18.78 -33.30
CA ALA D 83 2.53 -19.45 -32.47
C ALA D 83 1.87 -20.60 -31.70
N HIS D 84 0.77 -20.30 -31.01
CA HIS D 84 0.07 -21.29 -30.19
C HIS D 84 -0.30 -22.53 -31.02
N LEU D 85 -0.86 -22.27 -32.21
CA LEU D 85 -1.29 -23.31 -33.10
C LEU D 85 -0.14 -24.25 -33.40
N GLN D 86 1.01 -23.70 -33.80
CA GLN D 86 2.13 -24.54 -34.14
C GLN D 86 2.57 -25.26 -32.91
N TRP D 87 2.45 -24.62 -31.75
CA TRP D 87 2.87 -25.31 -30.53
C TRP D 87 2.01 -26.59 -30.27
N THR D 88 0.71 -26.50 -30.55
CA THR D 88 -0.17 -27.65 -30.40
C THR D 88 0.03 -28.68 -31.51
N LEU D 89 0.63 -28.26 -32.61
CA LEU D 89 0.92 -29.16 -33.74
C LEU D 89 2.25 -29.89 -33.55
N GLN D 90 2.95 -29.54 -32.49
CA GLN D 90 4.26 -30.09 -32.20
C GLN D 90 4.06 -31.15 -31.14
N ASP D 91 4.80 -32.24 -31.29
CA ASP D 91 4.77 -33.40 -30.41
C ASP D 91 5.21 -33.09 -28.97
N ARG D 92 4.49 -33.62 -27.98
CA ARG D 92 4.86 -33.43 -26.55
C ARG D 92 6.25 -33.97 -26.28
N LYS D 93 6.64 -35.07 -26.92
CA LYS D 93 8.00 -35.59 -26.77
C LYS D 93 9.07 -34.63 -27.30
N LYS D 94 8.67 -33.66 -28.12
CA LYS D 94 9.62 -32.68 -28.69
C LYS D 94 9.49 -31.27 -28.06
N GLY D 95 8.82 -31.21 -26.90
CA GLY D 95 8.60 -29.93 -26.21
C GLY D 95 7.34 -29.22 -26.67
N GLY D 96 6.48 -29.96 -27.36
CA GLY D 96 5.22 -29.43 -27.89
C GLY D 96 4.08 -29.59 -26.90
N LEU D 97 2.96 -28.97 -27.24
CA LEU D 97 1.77 -29.05 -26.40
C LEU D 97 0.89 -30.24 -26.75
N GLY D 98 0.84 -30.55 -28.04
CA GLY D 98 -0.09 -31.54 -28.58
C GLY D 98 -1.49 -30.99 -28.47
N THR D 99 -2.47 -31.87 -28.58
CA THR D 99 -3.88 -31.50 -28.56
C THR D 99 -4.17 -30.82 -27.25
N MET D 100 -4.96 -29.77 -27.31
CA MET D 100 -5.25 -28.96 -26.17
C MET D 100 -6.73 -29.03 -25.86
N ALA D 101 -7.05 -29.11 -24.56
CA ALA D 101 -8.44 -29.16 -24.08
C ALA D 101 -8.91 -27.84 -23.47
N ILE D 102 -8.04 -26.83 -23.52
CA ILE D 102 -8.32 -25.47 -23.06
C ILE D 102 -7.98 -24.40 -24.13
N PRO D 103 -8.69 -23.24 -24.12
CA PRO D 103 -8.26 -22.17 -25.01
C PRO D 103 -6.96 -21.52 -24.51
N ILE D 104 -6.18 -20.95 -25.42
CA ILE D 104 -5.03 -20.14 -25.04
C ILE D 104 -5.14 -18.74 -25.66
N LEU D 105 -5.20 -17.71 -24.83
CA LEU D 105 -5.24 -16.36 -25.34
C LEU D 105 -3.93 -15.98 -26.04
N ALA D 106 -4.02 -15.11 -27.06
CA ALA D 106 -2.84 -14.47 -27.65
C ALA D 106 -2.90 -13.00 -27.22
N ASP D 107 -2.22 -12.70 -26.10
CA ASP D 107 -2.10 -11.36 -25.53
C ASP D 107 -1.01 -10.58 -26.33
N LYS D 108 -1.25 -10.36 -27.61
CA LYS D 108 -0.23 -9.80 -28.49
C LYS D 108 0.12 -8.35 -28.18
N THR D 109 -0.83 -7.57 -27.63
CA THR D 109 -0.57 -6.21 -27.17
C THR D 109 0.04 -6.21 -25.76
N LYS D 110 0.05 -7.38 -25.12
CA LYS D 110 0.51 -7.54 -23.72
C LYS D 110 -0.41 -6.84 -22.71
N ASN D 111 -1.43 -6.12 -23.16
CA ASN D 111 -2.23 -5.38 -22.19
C ASN D 111 -2.97 -6.19 -21.12
N ILE D 112 -3.25 -7.46 -21.44
CA ILE D 112 -3.96 -8.33 -20.48
C ILE D 112 -3.06 -8.63 -19.31
N ALA D 113 -1.83 -9.02 -19.61
CA ALA D 113 -0.84 -9.30 -18.57
C ALA D 113 -0.52 -8.01 -17.80
N ARG D 114 -0.36 -6.90 -18.54
CA ARG D 114 -0.17 -5.59 -17.89
C ARG D 114 -1.25 -5.33 -16.87
N SER D 115 -2.51 -5.62 -17.24
CA SER D 115 -3.63 -5.35 -16.37
C SER D 115 -3.74 -6.28 -15.17
N TYR D 116 -3.09 -7.43 -15.26
CA TYR D 116 -3.05 -8.39 -14.14
C TYR D 116 -1.80 -8.19 -13.27
N GLY D 117 -1.05 -7.15 -13.64
CA GLY D 117 0.23 -6.82 -13.05
C GLY D 117 1.29 -7.92 -13.08
N VAL D 118 1.33 -8.73 -14.12
CA VAL D 118 2.34 -9.78 -14.22
C VAL D 118 3.30 -9.64 -15.42
N LEU D 119 3.33 -8.50 -16.09
CA LEU D 119 4.24 -8.33 -17.25
C LEU D 119 5.64 -7.92 -16.82
N GLU D 120 6.65 -8.74 -17.09
CA GLU D 120 8.04 -8.32 -16.94
C GLU D 120 8.40 -7.42 -18.15
N GLU D 121 8.34 -6.10 -17.95
CA GLU D 121 8.46 -5.09 -19.04
C GLU D 121 9.75 -5.11 -19.82
N SER D 122 10.85 -5.46 -19.19
CA SER D 122 12.15 -5.42 -19.86
C SER D 122 12.26 -6.53 -20.89
N GLN D 123 11.66 -7.69 -20.59
CA GLN D 123 11.65 -8.82 -21.50
C GLN D 123 10.37 -8.91 -22.32
N GLY D 124 9.36 -8.12 -21.94
CA GLY D 124 8.06 -8.17 -22.58
C GLY D 124 7.31 -9.49 -22.40
N VAL D 125 7.50 -10.19 -21.29
CA VAL D 125 6.78 -11.46 -21.08
C VAL D 125 6.13 -11.55 -19.69
N ALA D 126 5.07 -12.36 -19.61
CA ALA D 126 4.35 -12.55 -18.37
C ALA D 126 5.11 -13.44 -17.41
N TYR D 127 5.11 -13.07 -16.14
CA TYR D 127 5.42 -14.03 -15.08
C TYR D 127 4.40 -15.16 -15.05
N ARG D 128 4.65 -16.16 -14.20
CA ARG D 128 3.73 -17.28 -14.03
C ARG D 128 2.66 -16.89 -13.05
N GLY D 129 1.80 -15.95 -13.46
CA GLY D 129 0.64 -15.54 -12.66
C GLY D 129 -0.63 -16.33 -12.95
N LEU D 130 -1.31 -16.74 -11.88
CA LEU D 130 -2.56 -17.51 -11.96
C LEU D 130 -3.57 -16.81 -11.07
N PHE D 131 -4.79 -16.67 -11.58
CA PHE D 131 -5.87 -15.95 -10.90
C PHE D 131 -7.16 -16.77 -10.83
N ILE D 132 -7.75 -16.83 -9.65
CA ILE D 132 -9.07 -17.45 -9.46
C ILE D 132 -10.19 -16.40 -9.38
N ILE D 133 -11.11 -16.51 -10.32
CA ILE D 133 -12.17 -15.55 -10.50
C ILE D 133 -13.51 -16.25 -10.28
N ASP D 134 -14.42 -15.57 -9.57
CA ASP D 134 -15.68 -16.20 -9.25
C ASP D 134 -16.79 -15.97 -10.32
N PRO D 135 -17.95 -16.64 -10.17
CA PRO D 135 -19.01 -16.43 -11.15
C PRO D 135 -19.52 -14.99 -11.18
N HIS D 136 -19.21 -14.16 -10.18
CA HIS D 136 -19.66 -12.75 -10.28
C HIS D 136 -18.65 -11.88 -10.97
N GLY D 137 -17.54 -12.48 -11.37
CA GLY D 137 -16.51 -11.75 -12.05
C GLY D 137 -15.46 -11.22 -11.09
N MET D 138 -15.57 -11.57 -9.80
CA MET D 138 -14.66 -11.06 -8.76
C MET D 138 -13.37 -11.88 -8.57
N LEU D 139 -12.25 -11.18 -8.57
CA LEU D 139 -10.96 -11.80 -8.25
C LEU D 139 -10.93 -12.29 -6.78
N ARG D 140 -10.47 -13.51 -6.56
CA ARG D 140 -10.45 -14.07 -5.21
C ARG D 140 -9.06 -14.59 -4.76
N GLN D 141 -8.19 -14.89 -5.72
CA GLN D 141 -6.92 -15.56 -5.37
C GLN D 141 -5.84 -15.16 -6.38
N ILE D 142 -4.67 -14.77 -5.89
CA ILE D 142 -3.53 -14.46 -6.77
C ILE D 142 -2.35 -15.40 -6.46
N THR D 143 -1.76 -15.97 -7.50
CA THR D 143 -0.53 -16.78 -7.37
C THR D 143 0.41 -16.35 -8.49
N VAL D 144 1.63 -15.95 -8.15
CA VAL D 144 2.64 -15.54 -9.14
C VAL D 144 3.96 -16.21 -8.79
N ASN D 145 4.52 -16.96 -9.73
CA ASN D 145 5.82 -17.63 -9.61
C ASN D 145 6.82 -16.96 -10.54
N ASP D 146 8.09 -16.95 -10.09
CA ASP D 146 9.19 -16.52 -10.91
C ASP D 146 9.34 -17.57 -12.02
N MET D 147 9.96 -17.17 -13.12
CA MET D 147 10.11 -17.99 -14.32
C MET D 147 10.44 -19.51 -14.17
N PRO D 148 11.31 -19.89 -13.21
CA PRO D 148 11.78 -21.25 -13.30
C PRO D 148 11.05 -22.23 -12.43
N VAL D 149 9.97 -21.79 -11.77
CA VAL D 149 9.25 -22.69 -10.89
C VAL D 149 7.76 -22.79 -11.21
N GLY D 150 7.37 -23.98 -11.64
CA GLY D 150 6.00 -24.27 -12.04
C GLY D 150 5.00 -24.25 -10.90
N ARG D 151 3.75 -24.05 -11.29
CA ARG D 151 2.62 -24.05 -10.41
C ARG D 151 2.13 -25.47 -10.04
N SER D 152 1.13 -25.55 -9.16
CA SER D 152 0.60 -26.84 -8.72
C SER D 152 -0.88 -26.93 -9.06
N VAL D 153 -1.25 -27.85 -9.95
CA VAL D 153 -2.66 -28.11 -10.27
C VAL D 153 -3.44 -28.53 -9.02
N GLU D 154 -2.85 -29.40 -8.19
CA GLU D 154 -3.49 -29.85 -6.96
C GLU D 154 -3.81 -28.70 -6.01
N GLU D 155 -2.89 -27.76 -5.84
CA GLU D 155 -3.13 -26.58 -4.97
C GLU D 155 -4.26 -25.73 -5.45
N VAL D 156 -4.37 -25.54 -6.76
CA VAL D 156 -5.39 -24.65 -7.34
C VAL D 156 -6.75 -25.27 -7.16
N LEU D 157 -6.83 -26.59 -7.34
CA LEU D 157 -8.06 -27.32 -7.10
C LEU D 157 -8.44 -27.23 -5.63
N ARG D 158 -7.48 -27.44 -4.72
CA ARG D 158 -7.72 -27.30 -3.27
C ARG D 158 -8.40 -25.95 -3.01
N LEU D 159 -7.86 -24.87 -3.59
CA LEU D 159 -8.33 -23.49 -3.34
C LEU D 159 -9.75 -23.23 -3.84
N LEU D 160 -10.03 -23.80 -5.01
CA LEU D 160 -11.35 -23.74 -5.65
C LEU D 160 -12.37 -24.44 -4.78
N GLU D 161 -12.05 -25.64 -4.32
CA GLU D 161 -12.96 -26.35 -3.41
C GLU D 161 -13.24 -25.55 -2.12
N ALA D 162 -12.18 -24.91 -1.57
CA ALA D 162 -12.30 -24.10 -0.38
C ALA D 162 -13.23 -22.91 -0.58
N PHE D 163 -12.99 -22.14 -1.63
CA PHE D 163 -13.82 -20.99 -1.93
C PHE D 163 -15.30 -21.36 -2.19
N GLN D 164 -15.50 -22.56 -2.73
CA GLN D 164 -16.83 -23.02 -3.05
C GLN D 164 -17.52 -23.44 -1.76
N PHE D 165 -16.76 -24.10 -0.87
CA PHE D 165 -17.25 -24.50 0.44
C PHE D 165 -17.70 -23.24 1.21
N VAL D 166 -16.88 -22.20 1.22
CA VAL D 166 -17.25 -20.89 1.79
C VAL D 166 -18.58 -20.31 1.26
N GLU D 167 -18.75 -20.28 -0.07
CA GLU D 167 -19.93 -19.65 -0.68
C GLU D 167 -21.18 -20.47 -0.40
N LYS D 168 -21.01 -21.78 -0.34
CA LYS D 168 -22.10 -22.70 -0.06
C LYS D 168 -22.55 -22.70 1.41
N HIS D 169 -21.61 -22.71 2.35
CA HIS D 169 -21.90 -22.92 3.76
C HIS D 169 -21.78 -21.69 4.66
N GLY D 170 -21.33 -20.57 4.11
CA GLY D 170 -21.06 -19.38 4.93
C GLY D 170 -20.14 -19.65 6.11
N GLU D 171 -19.12 -20.49 5.87
CA GLU D 171 -18.07 -20.85 6.83
C GLU D 171 -16.71 -20.46 6.24
N VAL D 172 -15.63 -20.49 7.03
CA VAL D 172 -14.31 -20.15 6.50
C VAL D 172 -13.40 -21.38 6.53
N CYS D 173 -12.46 -21.48 5.59
CA CYS D 173 -11.53 -22.62 5.58
C CYS D 173 -10.14 -22.36 6.19
N PRO D 174 -9.80 -23.13 7.23
CA PRO D 174 -8.56 -23.00 7.97
C PRO D 174 -7.32 -23.28 7.10
N ALA D 175 -6.14 -22.96 7.62
CA ALA D 175 -4.90 -23.44 6.98
C ALA D 175 -5.00 -24.95 6.61
N ASN D 176 -4.55 -25.28 5.40
CA ASN D 176 -4.38 -26.67 4.93
C ASN D 176 -5.67 -27.45 4.62
N TRP D 177 -6.81 -26.76 4.63
CA TRP D 177 -8.10 -27.39 4.35
C TRP D 177 -8.10 -28.17 3.04
N LYS D 178 -8.65 -29.37 3.08
CA LYS D 178 -8.89 -30.18 1.87
C LYS D 178 -10.35 -30.58 1.90
N LYS D 179 -10.90 -31.02 0.76
CA LYS D 179 -12.32 -31.43 0.73
C LYS D 179 -12.65 -32.35 1.91
N GLY D 180 -13.75 -32.07 2.61
CA GLY D 180 -14.19 -32.93 3.70
C GLY D 180 -13.57 -32.63 5.06
N ASP D 181 -12.64 -31.68 5.11
CA ASP D 181 -12.21 -31.12 6.38
C ASP D 181 -13.37 -30.24 6.85
N PRO D 182 -13.55 -30.12 8.19
CA PRO D 182 -14.56 -29.20 8.73
C PRO D 182 -14.21 -27.71 8.53
N GLY D 183 -15.25 -26.89 8.45
CA GLY D 183 -15.08 -25.46 8.37
C GLY D 183 -15.17 -24.85 9.75
N MET D 184 -15.27 -23.52 9.80
CA MET D 184 -15.42 -22.81 11.04
C MET D 184 -16.39 -21.66 10.76
N LYS D 185 -17.32 -21.39 11.67
CA LYS D 185 -18.15 -20.18 11.55
C LYS D 185 -17.37 -18.95 12.03
N PRO D 186 -17.27 -17.92 11.17
CA PRO D 186 -16.48 -16.71 11.45
C PRO D 186 -17.15 -15.80 12.49
N GLU D 187 -17.35 -16.35 13.70
CA GLU D 187 -17.98 -15.66 14.83
C GLU D 187 -17.24 -16.02 16.14
N PRO D 188 -17.02 -15.02 17.02
CA PRO D 188 -16.30 -15.31 18.27
C PRO D 188 -16.80 -16.57 18.98
N ASN D 189 -18.09 -16.62 19.35
CA ASN D 189 -18.57 -17.74 20.18
C ASN D 189 -18.65 -19.06 19.44
N ALA D 190 -19.21 -19.03 18.23
CA ALA D 190 -19.38 -20.24 17.44
C ALA D 190 -18.04 -20.85 16.99
N SER D 191 -17.03 -20.01 16.75
CA SER D 191 -15.73 -20.53 16.31
C SER D 191 -15.12 -21.37 17.41
N VAL D 192 -15.27 -20.90 18.64
CA VAL D 192 -14.74 -21.62 19.80
C VAL D 192 -15.53 -22.92 20.02
N GLU D 193 -16.86 -22.80 20.05
CA GLU D 193 -17.79 -23.94 20.22
C GLU D 193 -17.63 -25.02 19.14
N GLY D 194 -17.59 -24.61 17.88
CA GLY D 194 -17.62 -25.52 16.74
C GLY D 194 -16.27 -26.08 16.31
N TYR D 195 -15.24 -25.25 16.38
CA TYR D 195 -13.92 -25.60 15.88
C TYR D 195 -12.83 -25.64 16.95
N PHE D 196 -12.49 -24.47 17.50
CA PHE D 196 -11.33 -24.34 18.40
C PHE D 196 -11.28 -25.28 19.60
N SER D 197 -12.42 -25.52 20.25
CA SER D 197 -12.46 -26.41 21.42
C SER D 197 -12.22 -27.92 21.13
N LYS D 198 -12.10 -28.29 19.85
CA LYS D 198 -11.89 -29.70 19.41
C LYS D 198 -10.51 -30.01 18.81
N SER E 2 8.44 12.28 -40.29
CA SER E 2 9.23 11.02 -40.23
C SER E 2 8.40 9.78 -39.90
N CYS E 3 9.04 8.63 -40.07
CA CYS E 3 8.46 7.32 -39.81
C CYS E 3 8.78 6.84 -38.38
N GLY E 4 8.01 7.28 -37.39
CA GLY E 4 8.38 7.05 -35.98
C GLY E 4 9.54 7.96 -35.62
N ASN E 5 10.70 7.37 -35.28
CA ASN E 5 11.96 8.11 -35.08
C ASN E 5 12.85 8.03 -36.31
N ALA E 6 12.58 7.07 -37.19
CA ALA E 6 13.28 6.90 -38.46
C ALA E 6 13.04 8.04 -39.46
N LYS E 7 14.05 8.86 -39.67
CA LYS E 7 14.00 9.98 -40.57
CA LYS E 7 13.95 9.91 -40.65
C LYS E 7 15.09 9.78 -41.63
N ILE E 8 14.76 9.93 -42.91
CA ILE E 8 15.76 9.89 -43.96
C ILE E 8 16.86 10.89 -43.64
N ASN E 9 18.11 10.47 -43.89
CA ASN E 9 19.29 11.30 -43.65
C ASN E 9 19.49 11.69 -42.21
N SER E 10 18.83 10.98 -41.29
CA SER E 10 19.17 11.03 -39.87
C SER E 10 19.68 9.64 -39.53
N PRO E 11 20.38 9.49 -38.39
CA PRO E 11 20.79 8.15 -37.98
C PRO E 11 19.58 7.27 -37.83
N ALA E 12 19.70 6.03 -38.30
CA ALA E 12 18.71 5.00 -38.08
C ALA E 12 18.61 4.74 -36.58
N PRO E 13 17.38 4.68 -36.03
CA PRO E 13 17.26 4.43 -34.58
C PRO E 13 18.01 3.18 -34.15
N SER E 14 18.81 3.36 -33.11
CA SER E 14 19.60 2.27 -32.58
C SER E 14 18.76 1.31 -31.72
N PHE E 15 19.34 0.13 -31.55
CA PHE E 15 18.76 -0.99 -30.87
C PHE E 15 19.88 -1.97 -30.56
N GLU E 16 19.73 -2.63 -29.41
CA GLU E 16 20.48 -3.83 -29.06
C GLU E 16 19.44 -4.88 -28.65
N GLU E 17 19.42 -6.02 -29.34
CA GLU E 17 18.34 -6.94 -29.12
C GLU E 17 18.75 -8.38 -29.47
N VAL E 18 18.20 -9.33 -28.74
CA VAL E 18 18.50 -10.74 -29.01
C VAL E 18 17.96 -11.15 -30.39
N ALA E 19 18.79 -11.98 -31.05
CA ALA E 19 18.52 -12.48 -32.37
C ALA E 19 18.81 -14.00 -32.45
N LEU E 20 18.12 -14.66 -33.38
CA LEU E 20 18.37 -16.03 -33.74
C LEU E 20 19.39 -15.97 -34.87
N MET E 21 20.62 -16.31 -34.51
CA MET E 21 21.74 -16.32 -35.44
C MET E 21 21.56 -17.43 -36.43
N PRO E 22 22.15 -17.29 -37.63
CA PRO E 22 22.03 -18.32 -38.67
C PRO E 22 22.41 -19.74 -38.18
N ASN E 23 23.48 -19.86 -37.39
CA ASN E 23 23.86 -21.16 -36.82
C ASN E 23 22.88 -21.76 -35.77
N GLY E 24 21.85 -21.00 -35.38
CA GLY E 24 20.83 -21.48 -34.46
C GLY E 24 21.09 -21.15 -33.00
N SER E 25 22.12 -20.36 -32.75
CA SER E 25 22.34 -19.79 -31.42
C SER E 25 21.60 -18.45 -31.23
N PHE E 26 21.66 -17.95 -29.99
CA PHE E 26 21.04 -16.69 -29.58
C PHE E 26 22.13 -15.70 -29.25
N LYS E 27 22.05 -14.50 -29.83
CA LYS E 27 23.04 -13.45 -29.55
C LYS E 27 22.46 -12.02 -29.57
N LYS E 28 23.03 -11.11 -28.77
CA LYS E 28 22.61 -9.70 -28.84
C LYS E 28 23.18 -9.08 -30.09
N ILE E 29 22.34 -8.44 -30.89
CA ILE E 29 22.82 -7.66 -32.02
C ILE E 29 22.40 -6.23 -31.83
N SER E 30 23.36 -5.33 -32.01
CA SER E 30 23.09 -3.91 -31.96
C SER E 30 23.38 -3.32 -33.36
N LEU E 31 22.64 -2.27 -33.71
CA LEU E 31 22.72 -1.74 -35.06
C LEU E 31 24.10 -1.15 -35.32
N SER E 32 24.68 -0.52 -34.30
CA SER E 32 26.02 0.06 -34.46
C SER E 32 27.10 -0.95 -34.82
N SER E 33 26.81 -2.23 -34.68
CA SER E 33 27.79 -3.27 -35.04
C SER E 33 27.91 -3.42 -36.54
N TYR E 34 27.13 -2.64 -37.27
CA TYR E 34 27.07 -2.73 -38.72
C TYR E 34 27.76 -1.56 -39.34
N LYS E 35 28.19 -0.60 -38.51
CA LYS E 35 28.86 0.59 -39.04
C LYS E 35 29.98 0.12 -39.96
N GLY E 36 30.05 0.69 -41.16
CA GLY E 36 31.03 0.30 -42.15
C GLY E 36 30.38 -0.50 -43.26
N LYS E 37 29.17 -0.95 -43.00
CA LYS E 37 28.43 -1.71 -44.00
C LYS E 37 27.05 -1.12 -44.25
N TRP E 38 26.55 -1.32 -45.47
CA TRP E 38 25.16 -1.11 -45.76
C TRP E 38 24.31 -2.14 -44.98
N VAL E 39 23.16 -1.73 -44.45
CA VAL E 39 22.27 -2.71 -43.84
C VAL E 39 20.86 -2.62 -44.38
N VAL E 40 20.30 -3.76 -44.74
CA VAL E 40 18.88 -3.82 -45.03
C VAL E 40 18.20 -4.46 -43.83
N LEU E 41 17.42 -3.66 -43.11
CA LEU E 41 16.62 -4.20 -42.01
C LEU E 41 15.17 -4.33 -42.49
N PHE E 42 14.56 -5.50 -42.31
CA PHE E 42 13.17 -5.65 -42.59
C PHE E 42 12.40 -6.31 -41.43
N PHE E 43 11.25 -5.71 -41.13
CA PHE E 43 10.29 -6.18 -40.15
C PHE E 43 9.23 -6.99 -40.90
N TYR E 44 8.61 -7.93 -40.19
CA TYR E 44 7.44 -8.65 -40.70
C TYR E 44 6.52 -8.94 -39.51
N PRO E 45 5.18 -9.04 -39.74
CA PRO E 45 4.28 -9.18 -38.59
C PRO E 45 4.48 -10.39 -37.65
N LEU E 46 4.46 -11.63 -38.16
CA LEU E 46 4.36 -12.77 -37.28
C LEU E 46 4.98 -14.04 -37.83
N ASP E 47 5.74 -14.74 -36.99
CA ASP E 47 6.21 -16.08 -37.37
C ASP E 47 4.99 -16.96 -37.64
N PHE E 48 5.22 -18.04 -38.39
CA PHE E 48 4.21 -19.06 -38.62
C PHE E 48 3.03 -18.53 -39.38
N THR E 49 3.23 -17.55 -40.27
CA THR E 49 2.15 -17.07 -41.09
C THR E 49 2.42 -17.22 -42.58
N PHE E 50 1.97 -16.28 -43.40
CA PHE E 50 1.76 -16.56 -44.84
C PHE E 50 2.66 -15.82 -45.83
N VAL E 51 2.53 -14.50 -45.97
CA VAL E 51 3.51 -13.72 -46.74
C VAL E 51 4.88 -13.74 -46.04
N CYS E 52 4.89 -13.62 -44.71
CA CYS E 52 6.11 -13.55 -43.89
C CYS E 52 7.19 -14.59 -44.23
N PRO E 53 6.87 -15.91 -44.18
CA PRO E 53 7.93 -16.87 -44.53
C PRO E 53 8.51 -16.66 -45.92
N THR E 54 7.69 -16.28 -46.91
CA THR E 54 8.21 -16.13 -48.27
C THR E 54 9.21 -14.99 -48.33
N GLU E 55 9.00 -13.96 -47.52
CA GLU E 55 9.91 -12.82 -47.48
C GLU E 55 11.22 -13.16 -46.79
N VAL E 56 11.14 -13.77 -45.61
CA VAL E 56 12.34 -14.22 -44.91
C VAL E 56 13.17 -15.24 -45.76
N ILE E 57 12.48 -16.21 -46.34
CA ILE E 57 13.15 -17.12 -47.22
C ILE E 57 13.81 -16.39 -48.41
N ALA E 58 13.08 -15.45 -49.01
CA ALA E 58 13.62 -14.78 -50.21
C ALA E 58 14.87 -13.98 -49.90
N PHE E 59 14.86 -13.21 -48.82
CA PHE E 59 16.04 -12.43 -48.47
C PHE E 59 17.20 -13.31 -47.98
N SER E 60 16.90 -14.34 -47.18
CA SER E 60 17.94 -15.28 -46.74
C SER E 60 18.62 -15.89 -47.94
N ASP E 61 17.81 -16.47 -48.83
CA ASP E 61 18.31 -17.15 -50.02
C ASP E 61 19.13 -16.27 -50.96
N SER E 62 19.03 -14.94 -50.80
CA SER E 62 19.70 -14.00 -51.71
C SER E 62 20.74 -13.23 -50.98
N VAL E 63 21.03 -13.61 -49.76
CA VAL E 63 21.91 -12.77 -48.93
C VAL E 63 23.25 -12.45 -49.58
N SER E 64 23.81 -13.44 -50.30
CA SER E 64 25.15 -13.31 -50.89
C SER E 64 25.14 -12.17 -51.91
N ARG E 65 24.02 -12.01 -52.62
CA ARG E 65 23.88 -10.89 -53.57
C ARG E 65 23.95 -9.55 -52.87
N PHE E 66 23.50 -9.52 -51.61
CA PHE E 66 23.61 -8.33 -50.78
C PHE E 66 24.99 -8.23 -50.14
N ASN E 67 25.50 -9.37 -49.68
CA ASN E 67 26.86 -9.42 -49.14
C ASN E 67 27.92 -9.03 -50.19
N GLU E 68 27.68 -9.36 -51.46
CA GLU E 68 28.55 -8.92 -52.56
C GLU E 68 28.77 -7.42 -52.54
N LEU E 69 27.76 -6.69 -52.08
CA LEU E 69 27.67 -5.27 -52.32
C LEU E 69 27.89 -4.57 -51.03
N ASN E 70 28.67 -5.20 -50.15
CA ASN E 70 28.96 -4.68 -48.80
C ASN E 70 27.71 -4.30 -47.99
N CYS E 71 26.70 -5.16 -48.07
CA CYS E 71 25.44 -4.96 -47.41
C CYS E 71 25.01 -6.21 -46.66
N GLU E 72 24.69 -6.06 -45.38
CA GLU E 72 24.16 -7.11 -44.54
C GLU E 72 22.64 -7.06 -44.59
N VAL E 73 22.00 -8.18 -44.27
CA VAL E 73 20.53 -8.30 -44.25
C VAL E 73 20.11 -8.77 -42.85
N LEU E 74 19.04 -8.19 -42.31
CA LEU E 74 18.65 -8.48 -40.93
C LEU E 74 17.14 -8.44 -40.79
N ALA E 75 16.55 -9.55 -40.36
CA ALA E 75 15.12 -9.65 -40.22
C ALA E 75 14.68 -9.35 -38.80
N CYS E 76 13.41 -8.96 -38.65
CA CYS E 76 12.87 -8.62 -37.36
C CYS E 76 11.35 -8.84 -37.23
N SER E 77 10.90 -9.39 -36.11
CA SER E 77 9.48 -9.47 -35.80
C SER E 77 9.33 -9.45 -34.28
N ILE E 78 8.09 -9.31 -33.79
CA ILE E 78 7.83 -9.22 -32.37
C ILE E 78 7.91 -10.57 -31.68
N ASP E 79 8.06 -11.65 -32.47
CA ASP E 79 8.12 -12.99 -31.87
C ASP E 79 9.41 -13.15 -31.09
N SER E 80 9.43 -14.09 -30.14
CA SER E 80 10.63 -14.45 -29.35
C SER E 80 11.61 -15.22 -30.21
N GLU E 81 12.83 -15.39 -29.67
CA GLU E 81 13.93 -16.11 -30.31
C GLU E 81 13.63 -17.62 -30.27
N TYR E 82 12.82 -18.04 -29.30
CA TYR E 82 12.34 -19.42 -29.23
C TYR E 82 11.35 -19.76 -30.34
N ALA E 83 10.41 -18.86 -30.64
CA ALA E 83 9.54 -19.01 -31.82
C ALA E 83 10.35 -19.00 -33.09
N HIS E 84 11.35 -18.10 -33.22
CA HIS E 84 12.13 -18.08 -34.47
C HIS E 84 12.81 -19.43 -34.64
N LEU E 85 13.33 -19.97 -33.53
CA LEU E 85 14.10 -21.23 -33.58
C LEU E 85 13.22 -22.37 -34.12
N GLN E 86 12.04 -22.52 -33.53
CA GLN E 86 11.12 -23.51 -34.02
C GLN E 86 10.74 -23.29 -35.48
N TRP E 87 10.49 -22.04 -35.86
CA TRP E 87 10.16 -21.79 -37.24
C TRP E 87 11.24 -22.25 -38.20
N THR E 88 12.51 -22.16 -37.76
CA THR E 88 13.62 -22.62 -38.62
C THR E 88 13.83 -24.13 -38.61
N LEU E 89 13.17 -24.82 -37.68
CA LEU E 89 13.30 -26.23 -37.52
C LEU E 89 12.09 -26.84 -38.17
N GLN E 90 11.23 -26.00 -38.72
CA GLN E 90 10.07 -26.48 -39.42
C GLN E 90 10.36 -26.40 -40.92
N ASP E 91 9.84 -27.38 -41.64
CA ASP E 91 10.12 -27.59 -43.07
C ASP E 91 9.50 -26.45 -43.89
N ARG E 92 10.27 -25.92 -44.84
CA ARG E 92 9.72 -24.98 -45.80
C ARG E 92 8.41 -25.44 -46.46
N LYS E 93 8.27 -26.74 -46.68
CA LYS E 93 7.09 -27.28 -47.40
C LYS E 93 5.90 -27.21 -46.49
N LYS E 94 6.18 -27.28 -45.19
CA LYS E 94 5.13 -27.19 -44.19
C LYS E 94 4.93 -25.76 -43.64
N GLY E 95 5.61 -24.79 -44.23
CA GLY E 95 5.33 -23.39 -43.88
C GLY E 95 6.40 -22.75 -43.02
N GLY E 96 7.50 -23.49 -42.84
CA GLY E 96 8.65 -23.01 -42.05
C GLY E 96 9.72 -22.33 -42.88
N LEU E 97 10.76 -21.91 -42.19
CA LEU E 97 11.87 -21.23 -42.81
C LEU E 97 12.97 -22.21 -43.21
N GLY E 98 13.03 -23.33 -42.48
CA GLY E 98 14.24 -24.18 -42.46
C GLY E 98 15.44 -23.35 -42.00
N THR E 99 16.63 -23.89 -42.19
CA THR E 99 17.86 -23.16 -41.82
C THR E 99 17.92 -21.78 -42.50
N MET E 100 18.28 -20.75 -41.74
CA MET E 100 18.46 -19.36 -42.23
C MET E 100 19.91 -18.88 -42.38
N ALA E 101 20.13 -18.00 -43.36
CA ALA E 101 21.46 -17.44 -43.62
C ALA E 101 21.52 -15.97 -43.15
N ILE E 102 20.45 -15.50 -42.52
CA ILE E 102 20.41 -14.15 -41.96
C ILE E 102 19.95 -14.26 -40.53
N PRO E 103 20.34 -13.32 -39.68
CA PRO E 103 19.77 -13.34 -38.36
C PRO E 103 18.34 -12.80 -38.35
N ILE E 104 17.60 -13.07 -37.25
CA ILE E 104 16.26 -12.53 -37.04
C ILE E 104 16.15 -12.03 -35.60
N LEU E 105 15.93 -10.72 -35.46
CA LEU E 105 15.72 -10.10 -34.18
C LEU E 105 14.42 -10.58 -33.58
N ALA E 106 14.46 -10.75 -32.26
CA ALA E 106 13.27 -11.03 -31.48
C ALA E 106 12.91 -9.75 -30.73
N ASP E 107 12.02 -8.95 -31.32
CA ASP E 107 11.66 -7.64 -30.76
C ASP E 107 10.54 -7.78 -29.75
N LYS E 108 10.83 -8.49 -28.66
CA LYS E 108 9.78 -8.85 -27.69
C LYS E 108 9.16 -7.65 -26.99
N THR E 109 9.91 -6.59 -26.78
CA THR E 109 9.28 -5.41 -26.20
C THR E 109 8.59 -4.58 -27.26
N LYS E 110 8.79 -4.90 -28.55
CA LYS E 110 8.17 -4.16 -29.68
C LYS E 110 8.72 -2.72 -29.88
N ASN E 111 9.69 -2.30 -29.09
CA ASN E 111 10.19 -0.94 -29.16
C ASN E 111 11.06 -0.67 -30.37
N ILE E 112 11.51 -1.71 -31.05
CA ILE E 112 12.28 -1.54 -32.25
C ILE E 112 11.35 -1.13 -33.40
N ALA E 113 10.28 -1.90 -33.56
CA ALA E 113 9.23 -1.59 -34.54
C ALA E 113 8.57 -0.23 -34.19
N ARG E 114 8.44 0.06 -32.91
CA ARG E 114 7.92 1.36 -32.52
C ARG E 114 8.80 2.49 -33.02
N SER E 115 10.12 2.33 -32.84
CA SER E 115 11.04 3.40 -33.14
C SER E 115 11.13 3.60 -34.67
N TYR E 116 10.91 2.52 -35.41
CA TYR E 116 10.86 2.53 -36.88
C TYR E 116 9.49 2.97 -37.41
N GLY E 117 8.55 3.20 -36.48
CA GLY E 117 7.21 3.68 -36.84
C GLY E 117 6.33 2.70 -37.61
N VAL E 118 6.66 1.40 -37.57
CA VAL E 118 5.90 0.36 -38.28
C VAL E 118 5.04 -0.54 -37.37
N LEU E 119 4.83 -0.17 -36.09
CA LEU E 119 3.97 -0.96 -35.22
C LEU E 119 2.47 -0.67 -35.43
N GLU E 120 1.70 -1.71 -35.76
CA GLU E 120 0.24 -1.69 -35.66
C GLU E 120 -0.12 -1.97 -34.20
N GLU E 121 -0.41 -0.91 -33.48
CA GLU E 121 -0.52 -0.96 -32.02
C GLU E 121 -1.65 -1.85 -31.54
N SER E 122 -2.79 -1.79 -32.22
CA SER E 122 -3.96 -2.56 -31.80
C SER E 122 -3.75 -4.07 -31.98
N GLN E 123 -2.85 -4.42 -32.90
CA GLN E 123 -2.45 -5.82 -33.15
C GLN E 123 -1.18 -6.20 -32.40
N GLY E 124 -0.37 -5.21 -32.01
CA GLY E 124 0.96 -5.50 -31.44
C GLY E 124 1.95 -6.17 -32.40
N VAL E 125 1.81 -5.93 -33.71
CA VAL E 125 2.71 -6.54 -34.71
C VAL E 125 3.21 -5.51 -35.70
N ALA E 126 4.37 -5.77 -36.27
CA ALA E 126 4.96 -4.81 -37.21
C ALA E 126 4.32 -4.98 -38.59
N TYR E 127 3.97 -3.88 -39.22
CA TYR E 127 3.76 -3.89 -40.69
C TYR E 127 5.04 -4.29 -41.43
N ARG E 128 4.95 -4.41 -42.75
CA ARG E 128 6.05 -4.90 -43.54
C ARG E 128 7.04 -3.79 -43.90
N GLY E 129 7.76 -3.27 -42.89
CA GLY E 129 8.70 -2.15 -43.10
C GLY E 129 10.13 -2.60 -43.45
N LEU E 130 10.73 -1.92 -44.41
CA LEU E 130 12.08 -2.23 -44.81
C LEU E 130 12.93 -0.95 -44.95
N PHE E 131 14.10 -0.95 -44.31
CA PHE E 131 14.93 0.25 -44.16
C PHE E 131 16.31 -0.03 -44.70
N ILE E 132 16.76 0.80 -45.66
CA ILE E 132 18.11 0.75 -46.20
C ILE E 132 18.95 1.80 -45.48
N ILE E 133 19.99 1.33 -44.83
CA ILE E 133 20.82 2.13 -43.94
C ILE E 133 22.25 2.11 -44.45
N ASP E 134 22.92 3.27 -44.45
CA ASP E 134 24.28 3.31 -45.04
C ASP E 134 25.42 2.96 -44.06
N PRO E 135 26.68 2.89 -44.54
CA PRO E 135 27.84 2.53 -43.72
C PRO E 135 28.01 3.42 -42.54
N HIS E 136 27.40 4.61 -42.62
CA HIS E 136 27.50 5.57 -41.56
C HIS E 136 26.33 5.50 -40.62
N GLY E 137 25.46 4.51 -40.82
CA GLY E 137 24.30 4.33 -39.95
C GLY E 137 23.17 5.31 -40.24
N MET E 138 23.18 5.90 -41.44
CA MET E 138 22.12 6.84 -41.84
C MET E 138 21.05 6.17 -42.69
N LEU E 139 19.82 6.54 -42.42
CA LEU E 139 18.67 5.97 -43.08
C LEU E 139 18.54 6.57 -44.48
N ARG E 140 18.48 5.71 -45.49
CA ARG E 140 18.38 6.21 -46.85
C ARG E 140 17.06 5.89 -47.60
N GLN E 141 16.34 4.84 -47.19
CA GLN E 141 15.13 4.42 -47.90
C GLN E 141 14.14 3.73 -46.95
N ILE E 142 12.86 4.09 -47.08
CA ILE E 142 11.74 3.49 -46.35
C ILE E 142 10.73 2.87 -47.33
N THR E 143 10.27 1.67 -46.99
CA THR E 143 9.31 0.91 -47.78
C THR E 143 8.43 0.23 -46.73
N VAL E 144 7.14 0.60 -46.66
CA VAL E 144 6.21 -0.12 -45.78
C VAL E 144 5.02 -0.64 -46.59
N ASN E 145 4.75 -1.93 -46.49
CA ASN E 145 3.61 -2.55 -47.16
C ASN E 145 2.59 -2.92 -46.11
N ASP E 146 1.31 -2.77 -46.47
CA ASP E 146 0.22 -3.47 -45.73
C ASP E 146 0.49 -4.99 -45.63
N MET E 147 -0.25 -5.67 -44.77
CA MET E 147 0.06 -7.06 -44.40
C MET E 147 0.01 -8.10 -45.55
N PRO E 148 -0.95 -7.96 -46.51
CA PRO E 148 -1.18 -9.04 -47.47
C PRO E 148 -0.32 -8.94 -48.73
N VAL E 149 0.60 -7.97 -48.78
CA VAL E 149 1.43 -7.77 -49.98
C VAL E 149 2.92 -7.76 -49.65
N GLY E 150 3.63 -8.74 -50.18
CA GLY E 150 5.06 -8.89 -49.94
C GLY E 150 5.92 -7.88 -50.69
N ARG E 151 7.17 -7.77 -50.24
CA ARG E 151 8.13 -6.86 -50.82
C ARG E 151 8.81 -7.48 -52.04
N SER E 152 9.74 -6.72 -52.64
CA SER E 152 10.46 -7.22 -53.79
C SER E 152 11.95 -7.13 -53.57
N VAL E 153 12.58 -8.30 -53.55
CA VAL E 153 14.01 -8.42 -53.39
C VAL E 153 14.69 -7.65 -54.52
N GLU E 154 14.23 -7.83 -55.76
CA GLU E 154 14.85 -7.19 -56.92
C GLU E 154 14.83 -5.67 -56.75
N GLU E 155 13.67 -5.15 -56.36
CA GLU E 155 13.57 -3.72 -56.15
C GLU E 155 14.55 -3.23 -55.10
N VAL E 156 14.72 -4.00 -54.02
CA VAL E 156 15.63 -3.54 -52.96
C VAL E 156 17.05 -3.53 -53.47
N LEU E 157 17.40 -4.55 -54.27
CA LEU E 157 18.74 -4.58 -54.90
C LEU E 157 18.99 -3.45 -55.91
N ARG E 158 17.94 -3.01 -56.61
CA ARG E 158 18.05 -1.89 -57.55
C ARG E 158 18.35 -0.63 -56.76
N LEU E 159 17.66 -0.49 -55.63
CA LEU E 159 17.79 0.72 -54.77
C LEU E 159 19.19 0.73 -54.22
N LEU E 160 19.62 -0.43 -53.74
CA LEU E 160 20.99 -0.58 -53.18
C LEU E 160 22.08 -0.20 -54.20
N GLU E 161 22.00 -0.68 -55.42
CA GLU E 161 23.01 -0.35 -56.46
C GLU E 161 22.99 1.11 -56.86
N ALA E 162 21.77 1.68 -56.90
CA ALA E 162 21.57 3.11 -57.16
C ALA E 162 22.27 4.00 -56.13
N PHE E 163 22.01 3.71 -54.85
CA PHE E 163 22.66 4.45 -53.76
C PHE E 163 24.17 4.36 -53.82
N GLN E 164 24.66 3.18 -54.14
CA GLN E 164 26.09 2.95 -54.18
C GLN E 164 26.71 3.68 -55.38
N PHE E 165 26.02 3.65 -56.53
CA PHE E 165 26.40 4.43 -57.71
C PHE E 165 26.45 5.94 -57.37
N VAL E 166 25.37 6.47 -56.82
CA VAL E 166 25.36 7.84 -56.32
C VAL E 166 26.60 8.18 -55.47
N GLU E 167 26.89 7.38 -54.44
CA GLU E 167 28.02 7.68 -53.57
C GLU E 167 29.37 7.59 -54.33
N LYS E 168 29.48 6.64 -55.25
CA LYS E 168 30.74 6.49 -55.98
C LYS E 168 31.00 7.60 -56.97
N HIS E 169 30.00 8.00 -57.73
CA HIS E 169 30.21 8.87 -58.88
C HIS E 169 29.73 10.33 -58.70
N GLY E 170 29.11 10.64 -57.55
CA GLY E 170 28.53 11.97 -57.28
C GLY E 170 27.45 12.35 -58.28
N GLU E 171 26.75 11.34 -58.79
CA GLU E 171 25.69 11.55 -59.74
C GLU E 171 24.37 11.11 -59.12
N VAL E 172 23.25 11.37 -59.81
CA VAL E 172 21.94 11.00 -59.28
C VAL E 172 21.31 10.03 -60.23
N CYS E 173 20.39 9.20 -59.72
CA CYS E 173 19.80 8.15 -60.52
C CYS E 173 18.35 8.48 -60.81
N PRO E 174 18.01 8.65 -62.09
CA PRO E 174 16.66 8.95 -62.56
C PRO E 174 15.67 7.85 -62.16
N ALA E 175 14.39 8.16 -62.32
CA ALA E 175 13.34 7.17 -62.24
C ALA E 175 13.70 5.94 -63.08
N ASN E 176 13.44 4.78 -62.50
CA ASN E 176 13.57 3.47 -63.15
C ASN E 176 14.99 2.98 -63.36
N TRP E 177 15.99 3.77 -62.97
CA TRP E 177 17.39 3.40 -63.11
C TRP E 177 17.66 1.94 -62.72
N LYS E 178 18.55 1.29 -63.45
CA LYS E 178 19.08 -0.05 -63.11
C LYS E 178 20.58 -0.01 -63.38
N LYS E 179 21.33 -0.98 -62.84
CA LYS E 179 22.78 -0.99 -63.06
C LYS E 179 23.09 -1.12 -64.55
N GLY E 180 24.07 -0.34 -65.00
CA GLY E 180 24.33 -0.23 -66.43
C GLY E 180 23.90 1.12 -66.96
N ASP E 181 22.71 1.57 -66.55
CA ASP E 181 22.21 2.86 -67.01
C ASP E 181 23.16 4.00 -66.63
N PRO E 182 23.11 5.11 -67.38
CA PRO E 182 23.91 6.25 -66.92
C PRO E 182 23.16 7.03 -65.85
N GLY E 183 23.92 7.80 -65.08
CA GLY E 183 23.35 8.76 -64.14
C GLY E 183 23.27 10.18 -64.70
N MET E 184 22.94 11.12 -63.83
CA MET E 184 22.88 12.50 -64.19
C MET E 184 23.78 13.27 -63.24
N LYS E 185 24.54 14.24 -63.75
CA LYS E 185 25.25 15.11 -62.81
C LYS E 185 24.23 16.14 -62.35
N PRO E 186 24.11 16.33 -61.01
CA PRO E 186 23.06 17.16 -60.42
C PRO E 186 23.46 18.63 -60.40
N GLU E 187 23.55 19.20 -61.60
CA GLU E 187 23.96 20.58 -61.84
C GLU E 187 23.18 21.06 -63.04
N PRO E 188 22.81 22.34 -63.06
CA PRO E 188 21.85 22.78 -64.09
C PRO E 188 22.34 22.56 -65.51
N ASN E 189 23.57 23.00 -65.81
CA ASN E 189 24.14 22.87 -67.15
C ASN E 189 24.41 21.44 -67.56
N ALA E 190 25.19 20.74 -66.73
CA ALA E 190 25.67 19.38 -67.01
C ALA E 190 24.55 18.36 -67.12
N SER E 191 23.43 18.62 -66.44
CA SER E 191 22.27 17.72 -66.52
C SER E 191 21.59 17.81 -67.88
N VAL E 192 21.54 19.01 -68.43
CA VAL E 192 20.99 19.21 -69.78
C VAL E 192 21.90 18.54 -70.83
N GLU E 193 23.19 18.87 -70.79
CA GLU E 193 24.15 18.36 -71.78
C GLU E 193 24.30 16.84 -71.70
N GLY E 194 24.61 16.34 -70.50
CA GLY E 194 24.85 14.92 -70.27
C GLY E 194 23.60 14.05 -70.26
N TYR E 195 22.46 14.61 -69.89
CA TYR E 195 21.26 13.78 -69.76
C TYR E 195 20.05 14.23 -70.60
N PHE E 196 19.51 15.41 -70.30
CA PHE E 196 18.19 15.80 -70.80
C PHE E 196 18.11 15.91 -72.32
N SER E 197 19.16 16.47 -72.93
CA SER E 197 19.21 16.66 -74.39
C SER E 197 19.38 15.36 -75.16
N LYS E 198 19.70 14.27 -74.46
CA LYS E 198 19.98 12.96 -75.06
C LYS E 198 18.93 11.88 -74.76
#